data_6IX1
#
_entry.id   6IX1
#
_cell.length_a   65.158
_cell.length_b   65.158
_cell.length_c   118.167
_cell.angle_alpha   90.00
_cell.angle_beta   90.00
_cell.angle_gamma   120.00
#
_symmetry.space_group_name_H-M   'P 31'
#
loop_
_entity.id
_entity.type
_entity.pdbx_description
1 polymer '2S Albumin protein'
2 non-polymer 'SULFATE ION'
3 water water
#
_entity_poly.entity_id   1
_entity_poly.type   'polypeptide(L)'
_entity_poly.pdbx_seq_one_letter_code
;ASYINAAFRSSRAYEVYFFECNKYVRVYYTPGKTDDKILTNLRLISSGFPSLAGTAFAEPGIDCSFDTEASEAYVFSGSQ
CAYIDYAPGTTNDKILSGPTTIAEMFPVLKNTVFEDGIDSAFRSTKGKEVYLFKGNKYGRIAYDSKQLVGTIRNITDGFP
VLKGTIFESGIDASFASHKEPEAYLFKGAQYVRIKFTPGATNNTLTGKVRPILDGWPCLRDILPT
;
_entity_poly.pdbx_strand_id   A,B,C
#
loop_
_chem_comp.id
_chem_comp.type
_chem_comp.name
_chem_comp.formula
SO4 non-polymer 'SULFATE ION' 'O4 S -2'
#
# COMPACT_ATOMS: atom_id res chain seq x y z
N ALA A 1 -26.57 -26.61 -20.43
CA ALA A 1 -25.88 -26.75 -19.14
C ALA A 1 -25.18 -25.43 -18.79
N SER A 2 -25.14 -25.13 -17.49
CA SER A 2 -24.51 -23.89 -16.94
C SER A 2 -23.32 -24.18 -16.01
N TYR A 3 -22.38 -23.25 -15.93
CA TYR A 3 -21.11 -23.50 -15.22
C TYR A 3 -20.97 -22.46 -14.11
N ILE A 4 -19.95 -21.62 -14.24
CA ILE A 4 -19.66 -20.62 -13.20
C ILE A 4 -20.26 -19.27 -13.58
N ASN A 5 -21.07 -18.68 -12.74
CA ASN A 5 -21.70 -17.40 -12.98
C ASN A 5 -20.95 -16.24 -12.37
N ALA A 6 -20.14 -16.41 -11.37
CA ALA A 6 -19.32 -15.36 -10.82
C ALA A 6 -18.19 -15.93 -9.99
N ALA A 7 -17.18 -15.16 -9.74
CA ALA A 7 -16.11 -15.57 -8.83
C ALA A 7 -15.48 -14.37 -8.17
N PHE A 8 -14.82 -14.57 -7.04
CA PHE A 8 -13.92 -13.54 -6.51
C PHE A 8 -12.85 -14.20 -5.65
N ARG A 9 -11.74 -13.49 -5.56
CA ARG A 9 -10.56 -13.91 -4.83
C ARG A 9 -10.69 -13.55 -3.35
N SER A 10 -10.52 -14.55 -2.47
CA SER A 10 -10.63 -14.29 -1.05
C SER A 10 -9.38 -13.57 -0.55
N SER A 11 -9.56 -12.84 0.58
CA SER A 11 -8.43 -12.44 1.41
C SER A 11 -7.59 -13.62 1.95
N ARG A 12 -8.18 -14.80 2.02
CA ARG A 12 -7.45 -16.00 2.48
C ARG A 12 -6.63 -16.56 1.36
N ALA A 13 -5.38 -16.84 1.58
CA ALA A 13 -4.46 -17.22 0.51
C ALA A 13 -5.00 -18.42 -0.25
N TYR A 14 -4.99 -18.29 -1.56
CA TYR A 14 -5.38 -19.40 -2.47
C TYR A 14 -6.77 -19.95 -2.20
N GLU A 15 -7.66 -19.07 -1.78
CA GLU A 15 -9.09 -19.40 -1.74
C GLU A 15 -9.87 -18.54 -2.76
N VAL A 16 -10.84 -19.18 -3.40
CA VAL A 16 -11.70 -18.54 -4.38
C VAL A 16 -13.15 -18.96 -4.05
N TYR A 17 -14.05 -17.99 -4.23
CA TYR A 17 -15.49 -18.25 -4.17
C TYR A 17 -16.06 -18.33 -5.59
N PHE A 18 -16.77 -19.39 -5.89
CA PHE A 18 -17.47 -19.59 -7.15
C PHE A 18 -18.96 -19.64 -6.92
N PHE A 19 -19.69 -18.82 -7.67
CA PHE A 19 -21.17 -18.79 -7.61
C PHE A 19 -21.78 -19.44 -8.83
N GLU A 20 -22.76 -20.31 -8.59
N GLU A 20 -22.74 -20.33 -8.59
CA GLU A 20 -23.46 -21.11 -9.61
CA GLU A 20 -23.47 -21.11 -9.59
C GLU A 20 -24.93 -21.03 -9.25
C GLU A 20 -24.94 -21.01 -9.23
N CYS A 21 -25.65 -20.20 -9.98
CA CYS A 21 -27.07 -19.94 -9.71
C CYS A 21 -27.14 -19.40 -8.29
N ASN A 22 -28.01 -20.00 -7.51
CA ASN A 22 -28.26 -19.62 -6.09
C ASN A 22 -27.33 -20.30 -5.11
N LYS A 23 -26.27 -20.91 -5.57
CA LYS A 23 -25.38 -21.68 -4.69
C LYS A 23 -23.94 -21.28 -4.90
N TYR A 24 -23.06 -21.73 -4.04
CA TYR A 24 -21.63 -21.42 -4.20
C TYR A 24 -20.77 -22.52 -3.58
N VAL A 25 -19.48 -22.51 -3.92
CA VAL A 25 -18.40 -23.28 -3.27
C VAL A 25 -17.28 -22.34 -2.96
N ARG A 26 -16.48 -22.72 -1.99
CA ARG A 26 -15.20 -22.07 -1.68
C ARG A 26 -14.14 -23.13 -1.97
N VAL A 27 -13.14 -22.83 -2.76
CA VAL A 27 -12.11 -23.77 -3.21
C VAL A 27 -10.72 -23.28 -2.82
N TYR A 28 -9.88 -24.21 -2.41
CA TYR A 28 -8.45 -23.98 -2.15
C TYR A 28 -7.76 -24.40 -3.43
N TYR A 29 -7.25 -23.45 -4.19
CA TYR A 29 -6.85 -23.70 -5.61
C TYR A 29 -5.33 -23.72 -5.73
N THR A 30 -4.94 -24.29 -6.86
CA THR A 30 -3.53 -24.65 -7.07
C THR A 30 -3.17 -24.26 -8.50
N PRO A 31 -2.58 -23.06 -8.74
CA PRO A 31 -2.22 -22.69 -10.11
C PRO A 31 -1.35 -23.73 -10.79
N GLY A 32 -1.73 -24.06 -12.02
CA GLY A 32 -0.90 -24.91 -12.87
C GLY A 32 -1.04 -26.40 -12.60
N LYS A 33 -1.96 -26.82 -11.75
CA LYS A 33 -2.10 -28.21 -11.25
C LYS A 33 -3.60 -28.51 -11.05
N THR A 34 -3.98 -29.77 -11.19
CA THR A 34 -5.36 -30.18 -10.91
C THR A 34 -5.51 -30.58 -9.44
N ASP A 35 -4.93 -29.83 -8.53
CA ASP A 35 -4.90 -30.18 -7.11
C ASP A 35 -5.83 -29.30 -6.26
N ASP A 36 -6.73 -28.57 -6.94
CA ASP A 36 -7.71 -27.75 -6.23
C ASP A 36 -8.62 -28.64 -5.40
N LYS A 37 -9.04 -28.15 -4.24
CA LYS A 37 -9.97 -28.90 -3.39
C LYS A 37 -11.02 -27.99 -2.79
N ILE A 38 -12.15 -28.58 -2.52
CA ILE A 38 -13.27 -27.84 -1.93
C ILE A 38 -13.03 -27.67 -0.41
N LEU A 39 -13.35 -26.48 0.06
CA LEU A 39 -13.38 -26.11 1.47
C LEU A 39 -14.80 -25.93 1.97
N THR A 40 -15.66 -25.31 1.14
CA THR A 40 -17.13 -25.27 1.47
C THR A 40 -17.87 -26.04 0.38
N ASN A 41 -18.45 -27.17 0.76
CA ASN A 41 -19.29 -27.96 -0.14
C ASN A 41 -20.46 -27.08 -0.64
N LEU A 42 -20.96 -27.43 -1.83
CA LEU A 42 -22.00 -26.68 -2.51
C LEU A 42 -23.07 -26.28 -1.51
N ARG A 43 -23.38 -24.98 -1.41
CA ARG A 43 -24.20 -24.40 -0.34
C ARG A 43 -25.02 -23.29 -0.94
N LEU A 44 -26.20 -23.08 -0.44
CA LEU A 44 -26.97 -21.90 -0.87
C LEU A 44 -26.19 -20.69 -0.43
N ILE A 45 -26.20 -19.68 -1.29
CA ILE A 45 -25.71 -18.32 -0.93
C ILE A 45 -26.37 -17.80 0.34
N SER A 46 -27.68 -17.96 0.45
CA SER A 46 -28.38 -17.48 1.65
C SER A 46 -27.87 -18.15 2.92
N SER A 47 -27.36 -19.36 2.83
N SER A 47 -27.36 -19.36 2.79
CA SER A 47 -26.81 -20.06 4.02
CA SER A 47 -26.86 -20.14 3.93
C SER A 47 -25.43 -19.53 4.36
C SER A 47 -25.45 -19.71 4.32
N GLY A 48 -24.55 -19.49 3.38
CA GLY A 48 -23.15 -19.05 3.58
C GLY A 48 -23.08 -17.63 4.04
N PHE A 49 -23.99 -16.80 3.52
CA PHE A 49 -24.00 -15.34 3.71
C PHE A 49 -25.38 -14.93 4.16
N PRO A 50 -25.67 -15.13 5.46
CA PRO A 50 -27.01 -14.80 5.91
C PRO A 50 -27.38 -13.34 5.72
N SER A 51 -26.40 -12.46 5.67
CA SER A 51 -26.65 -11.02 5.38
C SER A 51 -27.39 -10.86 4.05
N LEU A 52 -27.27 -11.82 3.14
CA LEU A 52 -27.84 -11.75 1.79
C LEU A 52 -29.18 -12.50 1.71
N ALA A 53 -29.59 -13.18 2.76
CA ALA A 53 -30.88 -13.92 2.74
C ALA A 53 -32.01 -12.95 2.42
N GLY A 54 -32.93 -13.37 1.56
CA GLY A 54 -34.07 -12.56 1.14
C GLY A 54 -33.73 -11.51 0.12
N THR A 55 -32.52 -11.47 -0.43
CA THR A 55 -32.13 -10.51 -1.48
C THR A 55 -31.97 -11.24 -2.81
N ALA A 56 -31.86 -10.46 -3.87
CA ALA A 56 -31.62 -10.95 -5.25
C ALA A 56 -30.32 -11.77 -5.26
N PHE A 57 -29.41 -11.39 -4.39
CA PHE A 57 -28.08 -12.04 -4.36
C PHE A 57 -28.18 -13.49 -3.89
N ALA A 58 -29.19 -13.79 -3.08
CA ALA A 58 -29.44 -15.17 -2.67
C ALA A 58 -30.30 -15.90 -3.71
N GLU A 59 -31.36 -15.23 -4.18
CA GLU A 59 -32.31 -15.82 -5.13
C GLU A 59 -32.68 -14.71 -6.12
N PRO A 60 -32.27 -14.78 -7.38
CA PRO A 60 -31.75 -15.99 -8.02
C PRO A 60 -30.25 -16.27 -7.91
N GLY A 61 -29.53 -15.32 -7.33
CA GLY A 61 -28.12 -15.54 -6.98
C GLY A 61 -27.24 -14.43 -7.54
N ILE A 62 -25.95 -14.60 -7.37
CA ILE A 62 -24.91 -13.62 -7.73
C ILE A 62 -24.42 -13.92 -9.14
N ASP A 63 -24.55 -12.90 -10.00
CA ASP A 63 -24.20 -13.04 -11.43
C ASP A 63 -22.96 -12.27 -11.82
N CYS A 64 -22.31 -11.62 -10.87
CA CYS A 64 -21.02 -10.94 -11.04
C CYS A 64 -20.51 -10.56 -9.66
N SER A 65 -19.20 -10.54 -9.53
CA SER A 65 -18.60 -10.17 -8.25
C SER A 65 -17.17 -9.76 -8.45
N PHE A 66 -16.63 -8.99 -7.50
CA PHE A 66 -15.19 -8.76 -7.43
C PHE A 66 -14.78 -8.41 -6.01
N ASP A 67 -13.61 -8.88 -5.70
CA ASP A 67 -12.97 -8.50 -4.43
C ASP A 67 -12.37 -7.07 -4.58
N THR A 68 -12.29 -6.35 -3.43
CA THR A 68 -11.68 -5.01 -3.46
C THR A 68 -10.42 -5.02 -2.61
N GLU A 69 -10.65 -4.98 -1.30
CA GLU A 69 -9.55 -5.01 -0.32
C GLU A 69 -10.04 -5.79 0.90
N ALA A 70 -9.10 -6.08 1.81
CA ALA A 70 -9.48 -6.73 3.07
C ALA A 70 -10.40 -7.92 2.75
N SER A 71 -11.50 -8.10 3.47
CA SER A 71 -12.47 -9.15 3.16
C SER A 71 -13.76 -8.51 2.65
N GLU A 72 -13.59 -7.58 1.72
CA GLU A 72 -14.70 -6.86 1.05
C GLU A 72 -14.82 -7.27 -0.43
N ALA A 73 -16.06 -7.23 -0.90
CA ALA A 73 -16.34 -7.52 -2.30
C ALA A 73 -17.64 -6.82 -2.71
N TYR A 74 -17.71 -6.49 -4.01
CA TYR A 74 -19.03 -6.18 -4.62
C TYR A 74 -19.66 -7.41 -5.21
N VAL A 75 -20.96 -7.54 -5.01
CA VAL A 75 -21.74 -8.58 -5.69
C VAL A 75 -22.89 -7.97 -6.42
N PHE A 76 -23.34 -8.66 -7.44
CA PHE A 76 -24.32 -8.19 -8.41
C PHE A 76 -25.37 -9.28 -8.66
N SER A 77 -26.57 -8.88 -9.01
CA SER A 77 -27.66 -9.75 -9.45
C SER A 77 -28.55 -8.89 -10.35
N GLY A 78 -28.46 -9.11 -11.65
CA GLY A 78 -29.17 -8.23 -12.59
C GLY A 78 -28.69 -6.80 -12.39
N SER A 79 -29.63 -5.88 -12.27
CA SER A 79 -29.26 -4.46 -12.08
C SER A 79 -28.90 -4.11 -10.64
N GLN A 80 -29.05 -5.06 -9.72
CA GLN A 80 -28.81 -4.78 -8.31
C GLN A 80 -27.36 -5.08 -7.95
N CYS A 81 -26.88 -4.37 -6.95
CA CYS A 81 -25.55 -4.63 -6.42
C CYS A 81 -25.45 -4.27 -4.96
N ALA A 82 -24.44 -4.84 -4.33
CA ALA A 82 -24.18 -4.61 -2.91
C ALA A 82 -22.69 -4.69 -2.65
N TYR A 83 -22.25 -3.94 -1.65
CA TYR A 83 -20.89 -4.06 -1.09
C TYR A 83 -21.01 -4.88 0.18
N ILE A 84 -20.22 -5.92 0.30
CA ILE A 84 -20.32 -6.84 1.45
C ILE A 84 -18.92 -6.95 2.07
N ASP A 85 -18.95 -7.34 3.34
CA ASP A 85 -17.80 -7.97 4.05
C ASP A 85 -18.13 -9.45 4.19
N TYR A 86 -17.39 -10.34 3.54
CA TYR A 86 -17.67 -11.79 3.55
C TYR A 86 -16.97 -12.47 4.74
N ALA A 87 -16.18 -11.76 5.56
CA ALA A 87 -15.79 -12.21 6.93
C ALA A 87 -15.36 -13.67 6.99
N PRO A 88 -14.29 -14.08 6.32
CA PRO A 88 -13.92 -15.49 6.29
C PRO A 88 -13.61 -16.04 7.68
N GLY A 89 -14.07 -17.25 7.87
CA GLY A 89 -13.78 -17.97 9.13
C GLY A 89 -14.74 -17.59 10.24
N THR A 90 -15.75 -16.78 9.94
CA THR A 90 -16.74 -16.27 10.92
C THR A 90 -18.12 -16.29 10.28
N THR A 91 -19.08 -15.91 11.11
CA THR A 91 -20.46 -15.67 10.72
C THR A 91 -20.77 -14.15 10.73
N ASN A 92 -19.77 -13.33 10.57
CA ASN A 92 -19.88 -11.87 10.72
C ASN A 92 -20.00 -11.23 9.33
N ASP A 93 -20.51 -11.94 8.31
CA ASP A 93 -20.71 -11.26 7.00
C ASP A 93 -21.76 -10.14 7.17
N LYS A 94 -21.65 -9.09 6.38
N LYS A 94 -21.60 -9.06 6.42
CA LYS A 94 -22.64 -8.01 6.48
CA LYS A 94 -22.45 -7.87 6.52
C LYS A 94 -22.60 -7.20 5.18
C LYS A 94 -22.60 -7.24 5.12
N ILE A 95 -23.73 -6.58 4.89
CA ILE A 95 -23.87 -5.64 3.77
C ILE A 95 -23.35 -4.30 4.24
N LEU A 96 -22.32 -3.79 3.59
CA LEU A 96 -21.75 -2.46 3.85
C LEU A 96 -22.44 -1.33 3.05
N SER A 97 -22.98 -1.60 1.87
N SER A 97 -22.97 -1.65 1.87
CA SER A 97 -23.64 -0.56 1.06
CA SER A 97 -23.56 -0.68 0.93
C SER A 97 -24.66 -1.27 0.18
C SER A 97 -24.71 -1.35 0.20
N GLY A 98 -25.81 -0.64 -0.06
CA GLY A 98 -26.89 -1.24 -0.83
C GLY A 98 -27.71 -2.23 -0.01
N PRO A 99 -28.46 -3.16 -0.63
CA PRO A 99 -28.52 -3.36 -2.07
C PRO A 99 -29.08 -2.10 -2.74
N THR A 100 -28.58 -1.78 -3.92
CA THR A 100 -29.12 -0.68 -4.75
C THR A 100 -28.85 -1.00 -6.21
N THR A 101 -29.25 -0.11 -7.10
CA THR A 101 -28.95 -0.33 -8.53
C THR A 101 -27.46 -0.09 -8.81
N ILE A 102 -26.98 -0.66 -9.89
CA ILE A 102 -25.57 -0.41 -10.32
C ILE A 102 -25.34 1.08 -10.49
N ALA A 103 -26.29 1.75 -11.16
CA ALA A 103 -26.13 3.18 -11.47
C ALA A 103 -26.15 4.00 -10.21
N GLU A 104 -26.85 3.61 -9.17
CA GLU A 104 -26.80 4.32 -7.91
C GLU A 104 -25.51 4.01 -7.14
N MET A 105 -25.00 2.79 -7.21
CA MET A 105 -23.76 2.41 -6.52
C MET A 105 -22.57 3.14 -7.16
N PHE A 106 -22.58 3.17 -8.49
CA PHE A 106 -21.47 3.72 -9.28
C PHE A 106 -22.07 4.68 -10.28
N PRO A 107 -22.37 5.93 -9.86
CA PRO A 107 -22.97 6.90 -10.79
C PRO A 107 -22.26 7.09 -12.14
N VAL A 108 -20.95 6.87 -12.22
CA VAL A 108 -20.24 7.02 -13.50
C VAL A 108 -20.73 5.98 -14.51
N LEU A 109 -21.36 4.93 -14.01
CA LEU A 109 -21.85 3.84 -14.89
C LEU A 109 -23.31 4.09 -15.34
N LYS A 110 -23.97 5.07 -14.74
CA LYS A 110 -25.33 5.37 -15.20
C LYS A 110 -25.28 5.68 -16.70
N ASN A 111 -26.25 5.18 -17.44
CA ASN A 111 -26.37 5.40 -18.88
C ASN A 111 -25.36 4.64 -19.70
N THR A 112 -24.47 3.89 -19.07
CA THR A 112 -23.47 3.09 -19.78
C THR A 112 -23.97 1.66 -20.03
N VAL A 113 -23.18 0.89 -20.78
CA VAL A 113 -23.51 -0.56 -21.01
C VAL A 113 -23.57 -1.36 -19.69
N PHE A 114 -23.05 -0.87 -18.61
CA PHE A 114 -22.98 -1.61 -17.35
C PHE A 114 -24.22 -1.37 -16.50
N GLU A 115 -25.03 -0.37 -16.79
CA GLU A 115 -26.08 0.00 -15.80
C GLU A 115 -27.12 -1.12 -15.57
N ASP A 116 -27.41 -1.94 -16.57
CA ASP A 116 -28.46 -2.98 -16.41
C ASP A 116 -27.88 -4.31 -15.95
N GLY A 117 -26.56 -4.40 -15.83
CA GLY A 117 -25.89 -5.65 -15.44
C GLY A 117 -24.48 -5.63 -15.88
N ILE A 118 -23.67 -6.39 -15.15
CA ILE A 118 -22.27 -6.64 -15.51
C ILE A 118 -22.10 -8.13 -15.71
N ASP A 119 -21.36 -8.55 -16.74
CA ASP A 119 -21.18 -10.00 -16.90
C ASP A 119 -20.10 -10.52 -15.97
N SER A 120 -19.01 -9.82 -15.85
CA SER A 120 -17.88 -10.38 -15.11
C SER A 120 -16.97 -9.26 -14.68
N ALA A 121 -16.07 -9.54 -13.75
CA ALA A 121 -15.15 -8.55 -13.27
C ALA A 121 -13.97 -9.20 -12.60
N PHE A 122 -12.83 -8.53 -12.50
CA PHE A 122 -11.75 -9.08 -11.68
C PHE A 122 -10.87 -7.96 -11.23
N ARG A 123 -10.20 -8.14 -10.13
CA ARG A 123 -9.34 -7.12 -9.52
C ARG A 123 -8.01 -7.00 -10.23
N SER A 124 -7.69 -5.77 -10.61
CA SER A 124 -6.43 -5.50 -11.31
C SER A 124 -5.30 -5.43 -10.31
N THR A 125 -4.07 -5.53 -10.76
CA THR A 125 -2.92 -5.14 -9.99
C THR A 125 -2.71 -3.61 -10.05
N LYS A 126 -3.35 -2.89 -10.97
CA LYS A 126 -3.11 -1.42 -11.11
C LYS A 126 -4.00 -0.68 -10.06
N GLY A 127 -3.38 -0.07 -9.08
CA GLY A 127 -4.05 0.73 -8.07
C GLY A 127 -5.22 -0.02 -7.47
N LYS A 128 -6.39 0.65 -7.41
CA LYS A 128 -7.69 0.11 -6.94
C LYS A 128 -8.60 -0.22 -8.14
N GLU A 129 -8.00 -0.56 -9.29
CA GLU A 129 -8.81 -0.82 -10.45
C GLU A 129 -9.37 -2.24 -10.47
N VAL A 130 -10.52 -2.32 -11.08
CA VAL A 130 -11.30 -3.53 -11.32
C VAL A 130 -11.75 -3.52 -12.77
N TYR A 131 -11.49 -4.60 -13.49
CA TYR A 131 -11.98 -4.81 -14.87
C TYR A 131 -13.44 -5.19 -14.81
N LEU A 132 -14.26 -4.57 -15.62
CA LEU A 132 -15.70 -4.81 -15.81
C LEU A 132 -15.96 -5.24 -17.27
N PHE A 133 -16.74 -6.31 -17.44
CA PHE A 133 -16.99 -6.87 -18.77
C PHE A 133 -18.49 -6.92 -18.98
N LYS A 134 -18.94 -6.53 -20.19
CA LYS A 134 -20.35 -6.61 -20.56
C LYS A 134 -20.42 -6.86 -22.06
N GLY A 135 -21.00 -7.99 -22.49
CA GLY A 135 -20.86 -8.36 -23.91
C GLY A 135 -19.43 -8.35 -24.33
N ASN A 136 -19.13 -7.83 -25.50
CA ASN A 136 -17.76 -7.78 -26.02
C ASN A 136 -17.04 -6.49 -25.63
N LYS A 137 -17.55 -5.83 -24.61
CA LYS A 137 -17.04 -4.56 -24.16
C LYS A 137 -16.44 -4.70 -22.72
N TYR A 138 -15.52 -3.80 -22.40
CA TYR A 138 -14.96 -3.77 -21.08
C TYR A 138 -14.52 -2.36 -20.68
N GLY A 139 -14.50 -2.10 -19.41
CA GLY A 139 -13.86 -0.94 -18.84
C GLY A 139 -13.24 -1.21 -17.55
N ARG A 140 -12.76 -0.19 -16.88
CA ARG A 140 -12.15 -0.30 -15.57
C ARG A 140 -12.70 0.74 -14.63
N ILE A 141 -12.99 0.31 -13.43
CA ILE A 141 -13.40 1.24 -12.35
C ILE A 141 -12.35 1.21 -11.26
N ALA A 142 -12.08 2.36 -10.68
CA ALA A 142 -11.29 2.44 -9.43
C ALA A 142 -12.34 2.37 -8.33
N TYR A 143 -12.34 1.31 -7.51
CA TYR A 143 -13.48 1.06 -6.59
C TYR A 143 -13.57 2.12 -5.50
N ASP A 144 -12.42 2.72 -5.15
CA ASP A 144 -12.41 3.60 -3.97
C ASP A 144 -12.88 4.99 -4.33
N SER A 145 -12.48 5.51 -5.46
CA SER A 145 -12.99 6.81 -5.95
C SER A 145 -14.25 6.63 -6.77
N LYS A 146 -14.58 5.43 -7.17
CA LYS A 146 -15.70 5.12 -8.09
C LYS A 146 -15.58 5.83 -9.44
N GLN A 147 -14.39 6.18 -9.84
CA GLN A 147 -14.21 6.76 -11.15
CA GLN A 147 -14.13 6.76 -11.15
C GLN A 147 -14.03 5.66 -12.19
N LEU A 148 -14.64 5.91 -13.35
CA LEU A 148 -14.42 5.07 -14.50
C LEU A 148 -13.03 5.55 -14.96
N VAL A 149 -12.12 4.67 -15.17
CA VAL A 149 -10.78 4.90 -15.68
C VAL A 149 -10.84 4.72 -17.20
N GLY A 150 -10.76 5.84 -17.93
CA GLY A 150 -10.83 5.78 -19.39
C GLY A 150 -12.19 5.54 -19.94
N THR A 151 -12.21 4.68 -20.96
CA THR A 151 -13.43 4.51 -21.74
C THR A 151 -13.78 3.06 -21.81
N ILE A 152 -14.95 2.78 -22.36
CA ILE A 152 -15.44 1.41 -22.44
C ILE A 152 -15.18 0.98 -23.89
N ARG A 153 -14.37 -0.02 -24.12
CA ARG A 153 -13.79 -0.46 -25.40
C ARG A 153 -14.09 -1.93 -25.67
N ASN A 154 -13.65 -2.44 -26.81
CA ASN A 154 -13.81 -3.87 -27.00
C ASN A 154 -12.80 -4.55 -26.07
N ILE A 155 -13.20 -5.75 -25.66
CA ILE A 155 -12.26 -6.62 -24.89
C ILE A 155 -10.92 -6.72 -25.58
N THR A 156 -10.90 -6.88 -26.92
CA THR A 156 -9.65 -7.11 -27.60
C THR A 156 -8.86 -5.82 -27.82
N ASP A 157 -9.47 -4.66 -27.56
CA ASP A 157 -8.60 -3.44 -27.52
C ASP A 157 -7.65 -3.47 -26.34
N GLY A 158 -8.05 -4.02 -25.19
CA GLY A 158 -7.18 -4.20 -24.04
C GLY A 158 -6.40 -5.48 -24.08
N PHE A 159 -7.07 -6.52 -24.60
CA PHE A 159 -6.59 -7.92 -24.53
C PHE A 159 -6.57 -8.54 -25.92
N PRO A 160 -5.73 -8.01 -26.85
CA PRO A 160 -5.64 -8.61 -28.16
C PRO A 160 -5.20 -10.08 -28.11
N VAL A 161 -4.58 -10.53 -26.98
CA VAL A 161 -4.17 -11.94 -26.86
C VAL A 161 -5.41 -12.83 -26.97
N LEU A 162 -6.58 -12.32 -26.68
CA LEU A 162 -7.82 -13.11 -26.70
C LEU A 162 -8.52 -13.13 -28.07
N LYS A 163 -7.96 -12.40 -29.03
CA LYS A 163 -8.49 -12.47 -30.40
C LYS A 163 -8.42 -13.91 -30.88
N GLY A 164 -9.50 -14.35 -31.53
CA GLY A 164 -9.63 -15.68 -32.06
C GLY A 164 -10.07 -16.70 -31.06
N THR A 165 -10.38 -16.29 -29.83
CA THR A 165 -10.90 -17.13 -28.76
C THR A 165 -12.32 -16.68 -28.47
N ILE A 166 -13.09 -17.50 -27.76
CA ILE A 166 -14.49 -17.07 -27.47
C ILE A 166 -14.50 -15.92 -26.47
N PHE A 167 -13.41 -15.71 -25.75
CA PHE A 167 -13.42 -14.64 -24.76
C PHE A 167 -13.53 -13.28 -25.46
N GLU A 168 -13.15 -13.19 -26.72
CA GLU A 168 -13.24 -11.92 -27.46
C GLU A 168 -14.69 -11.36 -27.44
N SER A 169 -15.69 -12.23 -27.33
CA SER A 169 -17.12 -11.84 -27.42
C SER A 169 -17.78 -11.69 -26.05
N GLY A 170 -17.02 -11.95 -24.97
CA GLY A 170 -17.58 -11.85 -23.60
C GLY A 170 -17.06 -12.92 -22.69
N ILE A 171 -17.19 -12.59 -21.41
CA ILE A 171 -16.68 -13.39 -20.26
C ILE A 171 -17.86 -13.60 -19.32
N ASP A 172 -18.10 -14.85 -18.85
CA ASP A 172 -19.16 -15.18 -17.89
C ASP A 172 -18.71 -14.98 -16.44
N ALA A 173 -17.43 -15.21 -16.13
CA ALA A 173 -16.97 -15.07 -14.74
C ALA A 173 -15.46 -14.93 -14.77
N SER A 174 -14.88 -14.40 -13.72
CA SER A 174 -13.42 -14.23 -13.68
C SER A 174 -13.02 -13.94 -12.25
N PHE A 175 -11.77 -14.21 -11.98
CA PHE A 175 -11.19 -13.70 -10.73
C PHE A 175 -9.68 -13.54 -10.89
N ALA A 176 -9.15 -12.62 -10.12
CA ALA A 176 -7.71 -12.44 -10.08
C ALA A 176 -7.08 -13.53 -9.19
N SER A 177 -5.98 -14.07 -9.64
CA SER A 177 -5.27 -15.07 -8.83
C SER A 177 -4.51 -14.46 -7.67
N HIS A 178 -4.25 -15.25 -6.66
CA HIS A 178 -3.26 -14.86 -5.65
C HIS A 178 -1.85 -14.79 -6.23
N LYS A 179 -1.67 -15.50 -7.32
CA LYS A 179 -0.38 -15.44 -8.01
C LYS A 179 -0.42 -14.30 -9.01
N GLU A 180 0.07 -13.14 -8.63
CA GLU A 180 -0.01 -11.94 -9.47
C GLU A 180 0.95 -12.11 -10.62
N PRO A 181 0.69 -11.56 -11.84
CA PRO A 181 -0.55 -10.86 -12.22
C PRO A 181 -1.40 -11.77 -13.09
N GLU A 182 -1.75 -12.92 -12.53
CA GLU A 182 -2.58 -13.90 -13.26
C GLU A 182 -4.07 -13.66 -12.95
N ALA A 183 -4.88 -14.13 -13.87
CA ALA A 183 -6.34 -14.10 -13.72
C ALA A 183 -6.93 -15.27 -14.44
N TYR A 184 -8.12 -15.69 -14.00
CA TYR A 184 -8.86 -16.80 -14.62
C TYR A 184 -10.12 -16.19 -15.26
N LEU A 185 -10.33 -16.57 -16.53
CA LEU A 185 -11.53 -16.08 -17.29
C LEU A 185 -12.32 -17.36 -17.63
N PHE A 186 -13.61 -17.26 -17.41
CA PHE A 186 -14.53 -18.38 -17.64
C PHE A 186 -15.60 -17.95 -18.66
N LYS A 187 -15.95 -18.85 -19.54
CA LYS A 187 -16.99 -18.60 -20.56
C LYS A 187 -17.64 -19.95 -20.87
N GLY A 188 -18.90 -20.06 -20.49
CA GLY A 188 -19.60 -21.34 -20.55
C GLY A 188 -18.82 -22.44 -19.89
N ALA A 189 -18.54 -23.47 -20.66
CA ALA A 189 -17.88 -24.70 -20.17
C ALA A 189 -16.35 -24.58 -20.04
N GLN A 190 -15.79 -23.47 -20.49
CA GLN A 190 -14.33 -23.34 -20.76
C GLN A 190 -13.75 -22.22 -19.88
N TYR A 191 -12.46 -22.30 -19.76
CA TYR A 191 -11.71 -21.24 -19.10
C TYR A 191 -10.32 -21.07 -19.69
N VAL A 192 -9.69 -19.99 -19.34
CA VAL A 192 -8.28 -19.76 -19.60
C VAL A 192 -7.65 -18.96 -18.48
N ARG A 193 -6.34 -19.19 -18.33
CA ARG A 193 -5.55 -18.46 -17.36
C ARG A 193 -4.71 -17.47 -18.16
N ILE A 194 -4.73 -16.21 -17.71
CA ILE A 194 -3.93 -15.18 -18.38
C ILE A 194 -2.99 -14.57 -17.36
N LYS A 195 -1.92 -13.98 -17.89
CA LYS A 195 -1.05 -13.02 -17.21
C LYS A 195 -1.42 -11.67 -17.84
N PHE A 196 -1.96 -10.77 -17.06
CA PHE A 196 -2.45 -9.50 -17.59
C PHE A 196 -1.50 -8.39 -17.24
N THR A 197 -1.52 -7.36 -18.09
CA THR A 197 -0.57 -6.24 -18.05
C THR A 197 -1.33 -4.92 -18.13
N PRO A 198 -1.70 -4.30 -16.98
CA PRO A 198 -2.48 -3.06 -17.06
C PRO A 198 -1.70 -1.97 -17.81
N GLY A 199 -2.39 -1.30 -18.72
CA GLY A 199 -1.87 -0.21 -19.54
C GLY A 199 -1.07 -0.67 -20.74
N ALA A 200 -0.98 -1.96 -20.99
CA ALA A 200 -0.20 -2.54 -22.11
C ALA A 200 -1.00 -3.61 -22.75
N THR A 201 -0.69 -3.95 -23.99
CA THR A 201 -1.20 -5.19 -24.64
C THR A 201 -0.12 -6.24 -24.63
N ASN A 202 0.49 -6.45 -23.44
CA ASN A 202 1.56 -7.45 -23.24
C ASN A 202 0.99 -8.69 -22.54
N ASN A 203 -0.32 -8.88 -22.49
CA ASN A 203 -0.91 -9.98 -21.74
C ASN A 203 -0.55 -11.27 -22.45
N THR A 204 -0.44 -12.33 -21.66
CA THR A 204 -0.09 -13.66 -22.21
C THR A 204 -1.15 -14.67 -21.78
N LEU A 205 -1.28 -15.73 -22.58
CA LEU A 205 -2.05 -16.90 -22.14
C LEU A 205 -1.10 -17.80 -21.39
N THR A 206 -1.49 -18.28 -20.25
CA THR A 206 -0.70 -19.27 -19.49
C THR A 206 -1.35 -20.60 -19.87
N GLY A 207 -0.78 -21.41 -20.77
CA GLY A 207 -1.44 -22.64 -21.24
C GLY A 207 -2.53 -22.42 -22.26
N LYS A 208 -3.57 -23.25 -22.31
CA LYS A 208 -4.54 -23.29 -23.42
C LYS A 208 -5.93 -22.93 -22.85
N VAL A 209 -6.86 -22.53 -23.70
CA VAL A 209 -8.31 -22.56 -23.44
C VAL A 209 -8.72 -24.01 -23.30
N ARG A 210 -9.42 -24.35 -22.23
CA ARG A 210 -9.77 -25.74 -21.97
C ARG A 210 -11.02 -25.80 -21.11
N PRO A 211 -11.69 -26.97 -21.10
CA PRO A 211 -12.87 -27.15 -20.26
C PRO A 211 -12.53 -26.98 -18.76
N ILE A 212 -13.38 -26.28 -18.06
CA ILE A 212 -13.22 -26.02 -16.61
C ILE A 212 -12.97 -27.33 -15.92
N LEU A 213 -13.78 -28.37 -16.20
CA LEU A 213 -13.65 -29.63 -15.44
C LEU A 213 -12.35 -30.36 -15.74
N ASP A 214 -11.66 -30.03 -16.80
CA ASP A 214 -10.32 -30.59 -17.01
C ASP A 214 -9.26 -29.95 -16.11
N GLY A 215 -9.38 -28.65 -15.91
CA GLY A 215 -8.40 -27.93 -15.07
C GLY A 215 -8.74 -27.89 -13.58
N TRP A 216 -10.04 -28.05 -13.32
CA TRP A 216 -10.63 -27.95 -11.95
C TRP A 216 -11.48 -29.18 -11.67
N PRO A 217 -10.89 -30.40 -11.70
CA PRO A 217 -11.69 -31.59 -11.57
C PRO A 217 -12.45 -31.75 -10.25
N CYS A 218 -12.07 -30.96 -9.25
CA CYS A 218 -12.77 -31.05 -7.96
C CYS A 218 -14.22 -30.57 -8.10
N LEU A 219 -14.55 -29.89 -9.22
CA LEU A 219 -15.89 -29.41 -9.48
C LEU A 219 -16.75 -30.39 -10.26
N ARG A 220 -16.20 -31.56 -10.57
CA ARG A 220 -16.91 -32.45 -11.51
C ARG A 220 -18.21 -33.06 -10.98
N ASP A 221 -18.48 -33.05 -9.70
CA ASP A 221 -19.73 -33.60 -9.14
C ASP A 221 -20.80 -32.52 -8.99
N ILE A 222 -20.42 -31.26 -9.18
CA ILE A 222 -21.39 -30.13 -9.01
C ILE A 222 -21.67 -29.40 -10.31
N LEU A 223 -20.80 -29.51 -11.31
CA LEU A 223 -21.04 -28.84 -12.62
C LEU A 223 -21.17 -29.88 -13.71
N PRO A 224 -21.91 -29.62 -14.78
CA PRO A 224 -22.69 -28.42 -14.90
C PRO A 224 -23.98 -28.47 -14.11
N THR A 225 -24.66 -27.34 -14.01
CA THR A 225 -26.07 -27.23 -13.52
C THR A 225 -27.01 -27.09 -14.72
N SER B 2 -2.53 11.57 35.61
CA SER B 2 -3.07 12.83 36.29
C SER B 2 -3.64 13.86 35.29
N TYR B 3 -3.65 13.56 33.99
CA TYR B 3 -3.65 14.45 32.76
C TYR B 3 -4.19 13.60 31.56
N ILE B 4 -3.26 12.93 30.91
CA ILE B 4 -3.55 11.93 29.86
C ILE B 4 -3.79 10.59 30.58
N ASN B 5 -4.98 10.07 30.41
CA ASN B 5 -5.32 8.84 31.13
C ASN B 5 -5.17 7.62 30.19
N ALA B 6 -5.13 7.78 28.88
CA ALA B 6 -4.94 6.64 27.98
C ALA B 6 -4.62 7.19 26.59
N ALA B 7 -3.99 6.40 25.77
CA ALA B 7 -3.60 6.81 24.42
C ALA B 7 -3.58 5.56 23.54
N PHE B 8 -3.77 5.73 22.26
CA PHE B 8 -3.45 4.69 21.29
C PHE B 8 -3.08 5.29 19.96
N ARG B 9 -2.36 4.53 19.19
CA ARG B 9 -1.85 4.88 17.87
C ARG B 9 -2.93 4.57 16.81
N SER B 10 -3.25 5.55 15.98
CA SER B 10 -4.23 5.33 14.93
C SER B 10 -3.61 4.58 13.77
N SER B 11 -4.44 3.89 12.99
CA SER B 11 -4.09 3.38 11.64
C SER B 11 -3.72 4.52 10.68
N ARG B 12 -4.24 5.72 10.94
CA ARG B 12 -3.87 6.93 10.21
C ARG B 12 -2.48 7.38 10.57
N ALA B 13 -1.65 7.62 9.58
CA ALA B 13 -0.26 7.97 9.80
C ALA B 13 -0.13 9.17 10.71
N TYR B 14 0.67 9.00 11.76
CA TYR B 14 1.02 10.07 12.70
C TYR B 14 -0.19 10.71 13.34
N GLU B 15 -1.20 9.91 13.59
CA GLU B 15 -2.33 10.30 14.45
C GLU B 15 -2.35 9.45 15.72
N VAL B 16 -2.67 10.14 16.82
CA VAL B 16 -2.80 9.55 18.16
C VAL B 16 -4.13 10.02 18.76
N TYR B 17 -4.78 9.14 19.48
CA TYR B 17 -5.91 9.43 20.37
C TYR B 17 -5.41 9.58 21.81
N PHE B 18 -5.79 10.66 22.47
CA PHE B 18 -5.53 10.89 23.89
C PHE B 18 -6.83 11.01 24.64
N PHE B 19 -6.98 10.26 25.72
CA PHE B 19 -8.22 10.26 26.55
C PHE B 19 -7.94 10.93 27.88
N GLU B 20 -8.80 11.90 28.24
CA GLU B 20 -8.69 12.58 29.51
C GLU B 20 -10.06 12.59 30.15
N CYS B 21 -10.21 11.85 31.23
CA CYS B 21 -11.53 11.63 31.87
C CYS B 21 -12.51 11.11 30.82
N ASN B 22 -13.61 11.82 30.67
CA ASN B 22 -14.72 11.50 29.77
C ASN B 22 -14.56 12.14 28.38
N LYS B 23 -13.39 12.65 28.07
CA LYS B 23 -13.16 13.42 26.85
C LYS B 23 -11.94 12.92 26.13
N TYR B 24 -11.78 13.30 24.86
CA TYR B 24 -10.58 12.95 24.09
C TYR B 24 -10.21 14.02 23.11
N VAL B 25 -9.02 13.91 22.59
CA VAL B 25 -8.54 14.61 21.39
C VAL B 25 -7.87 13.62 20.45
N ARG B 26 -7.79 14.02 19.22
CA ARG B 26 -6.97 13.36 18.18
C ARG B 26 -5.94 14.34 17.70
N VAL B 27 -4.67 13.91 17.67
CA VAL B 27 -3.52 14.81 17.43
C VAL B 27 -2.77 14.25 16.24
N TYR B 28 -2.31 15.12 15.37
CA TYR B 28 -1.37 14.85 14.29
C TYR B 28 0.01 15.23 14.82
N TYR B 29 0.82 14.23 15.17
CA TYR B 29 2.01 14.42 16.00
C TYR B 29 3.30 14.30 15.17
N THR B 30 4.31 14.93 15.71
CA THR B 30 5.60 15.15 15.04
C THR B 30 6.71 14.70 15.98
N PRO B 31 7.28 13.50 15.76
CA PRO B 31 8.37 13.08 16.60
C PRO B 31 9.53 14.05 16.57
N GLY B 32 10.09 14.33 17.74
CA GLY B 32 11.27 15.18 17.88
C GLY B 32 11.07 16.65 17.74
N LYS B 33 9.86 17.15 17.62
CA LYS B 33 9.61 18.57 17.53
C LYS B 33 8.25 18.93 18.06
N THR B 34 8.08 20.24 18.29
CA THR B 34 6.86 20.73 18.93
C THR B 34 5.85 21.17 17.85
N ASP B 35 5.70 20.39 16.79
CA ASP B 35 4.82 20.72 15.67
C ASP B 35 3.52 19.93 15.63
N ASP B 36 3.23 19.23 16.73
CA ASP B 36 2.00 18.44 16.78
C ASP B 36 0.79 19.40 16.78
N LYS B 37 -0.29 18.98 16.16
CA LYS B 37 -1.48 19.82 16.02
C LYS B 37 -2.73 19.01 16.22
N ILE B 38 -3.77 19.66 16.75
CA ILE B 38 -5.04 19.00 16.95
C ILE B 38 -5.77 18.79 15.62
N LEU B 39 -6.38 17.61 15.51
CA LEU B 39 -7.36 17.27 14.47
C LEU B 39 -8.78 17.19 15.00
N THR B 40 -8.99 16.58 16.17
CA THR B 40 -10.30 16.62 16.87
C THR B 40 -10.10 17.42 18.16
N ASN B 41 -10.71 18.58 18.22
CA ASN B 41 -10.78 19.42 19.42
C ASN B 41 -11.45 18.60 20.53
N LEU B 42 -11.07 18.93 21.75
CA LEU B 42 -11.55 18.23 22.97
C LEU B 42 -13.03 17.97 22.83
N ARG B 43 -13.42 16.74 23.03
CA ARG B 43 -14.78 16.23 22.73
C ARG B 43 -15.12 15.12 23.70
N LEU B 44 -16.36 14.99 24.06
CA LEU B 44 -16.82 13.85 24.89
C LEU B 44 -16.61 12.58 24.08
N ILE B 45 -16.11 11.57 24.78
CA ILE B 45 -15.99 10.21 24.19
C ILE B 45 -17.35 9.76 23.63
N SER B 46 -18.41 10.03 24.36
CA SER B 46 -19.74 9.59 23.90
C SER B 46 -20.12 10.22 22.57
N SER B 47 -19.62 11.41 22.30
N SER B 47 -19.63 11.43 22.27
CA SER B 47 -19.92 12.16 21.05
CA SER B 47 -19.98 12.15 21.02
C SER B 47 -19.10 11.58 19.89
C SER B 47 -19.11 11.65 19.86
N GLY B 48 -17.81 11.41 20.11
CA GLY B 48 -16.91 10.90 19.04
C GLY B 48 -17.13 9.44 18.72
N PHE B 49 -17.60 8.67 19.71
CA PHE B 49 -17.76 7.21 19.63
C PHE B 49 -19.12 6.84 20.20
N PRO B 50 -20.16 7.00 19.38
CA PRO B 50 -21.50 6.72 19.88
C PRO B 50 -21.68 5.24 20.25
N SER B 51 -20.88 4.35 19.68
CA SER B 51 -20.91 2.93 20.09
C SER B 51 -20.61 2.80 21.60
N LEU B 52 -19.92 3.76 22.19
CA LEU B 52 -19.50 3.75 23.60
C LEU B 52 -20.44 4.58 24.47
N ALA B 53 -21.34 5.35 23.87
CA ALA B 53 -22.26 6.17 24.70
C ALA B 53 -23.08 5.26 25.61
N GLY B 54 -23.29 5.67 26.86
CA GLY B 54 -24.05 4.84 27.80
C GLY B 54 -23.19 3.79 28.47
N THR B 55 -21.90 3.66 28.12
CA THR B 55 -21.00 2.65 28.73
C THR B 55 -19.97 3.33 29.63
N ALA B 56 -19.27 2.51 30.40
CA ALA B 56 -18.20 2.97 31.30
C ALA B 56 -17.13 3.72 30.50
N PHE B 57 -16.99 3.32 29.24
CA PHE B 57 -15.93 3.91 28.40
C PHE B 57 -16.18 5.36 28.05
N ALA B 58 -17.43 5.78 28.15
CA ALA B 58 -17.79 7.19 27.93
C ALA B 58 -17.83 7.92 29.27
N GLU B 59 -18.44 7.33 30.29
CA GLU B 59 -18.53 7.93 31.63
C GLU B 59 -18.28 6.78 32.59
N PRO B 60 -17.17 6.78 33.35
CA PRO B 60 -16.28 7.92 33.56
C PRO B 60 -15.25 8.16 32.45
N GLY B 61 -15.03 7.15 31.60
CA GLY B 61 -14.12 7.33 30.47
C GLY B 61 -13.13 6.20 30.38
N ILE B 62 -12.32 6.24 29.36
CA ILE B 62 -11.29 5.27 29.02
C ILE B 62 -10.05 5.50 29.85
N ASP B 63 -9.63 4.47 30.60
CA ASP B 63 -8.44 4.63 31.50
C ASP B 63 -7.30 3.75 31.04
N CYS B 64 -7.43 3.09 29.91
CA CYS B 64 -6.29 2.38 29.29
C CYS B 64 -6.74 1.98 27.91
N SER B 65 -5.81 1.78 27.01
CA SER B 65 -6.16 1.47 25.61
C SER B 65 -4.91 1.01 24.87
N PHE B 66 -5.14 0.22 23.81
CA PHE B 66 -4.03 -0.08 22.89
C PHE B 66 -4.62 -0.47 21.53
N ASP B 67 -3.97 -0.03 20.51
CA ASP B 67 -4.25 -0.40 19.12
C ASP B 67 -3.77 -1.84 18.91
N THR B 68 -4.43 -2.54 18.00
CA THR B 68 -4.07 -3.90 17.62
C THR B 68 -3.65 -3.95 16.14
N GLU B 69 -4.61 -3.95 15.25
CA GLU B 69 -4.40 -3.98 13.81
C GLU B 69 -5.53 -3.24 13.14
N ALA B 70 -5.33 -2.93 11.87
CA ALA B 70 -6.35 -2.20 11.11
C ALA B 70 -6.79 -0.99 11.92
N SER B 71 -8.10 -0.73 12.04
CA SER B 71 -8.55 0.39 12.89
C SER B 71 -9.25 -0.16 14.12
N GLU B 72 -8.58 -1.11 14.76
CA GLU B 72 -9.12 -1.83 15.94
C GLU B 72 -8.26 -1.50 17.16
N ALA B 73 -8.95 -1.47 18.29
CA ALA B 73 -8.26 -1.21 19.59
C ALA B 73 -9.02 -1.89 20.71
N TYR B 74 -8.28 -2.19 21.78
CA TYR B 74 -8.93 -2.49 23.06
C TYR B 74 -9.01 -1.22 23.89
N VAL B 75 -10.13 -1.04 24.57
CA VAL B 75 -10.25 0.09 25.52
C VAL B 75 -10.71 -0.52 26.85
N PHE B 76 -10.43 0.20 27.94
CA PHE B 76 -10.65 -0.25 29.31
C PHE B 76 -11.23 0.88 30.12
N SER B 77 -12.02 0.55 31.13
CA SER B 77 -12.53 1.48 32.15
C SER B 77 -12.68 0.64 33.43
N GLY B 78 -11.81 0.87 34.41
CA GLY B 78 -11.82 -0.04 35.56
C GLY B 78 -11.65 -1.48 35.11
N SER B 79 -12.49 -2.37 35.63
CA SER B 79 -12.41 -3.80 35.33
C SER B 79 -13.09 -4.12 34.00
N GLN B 80 -13.66 -3.11 33.32
CA GLN B 80 -14.38 -3.35 32.04
C GLN B 80 -13.49 -3.16 30.83
N CYS B 81 -13.76 -3.91 29.79
CA CYS B 81 -13.02 -3.72 28.54
C CYS B 81 -13.90 -4.07 27.33
N ALA B 82 -13.50 -3.50 26.23
CA ALA B 82 -14.21 -3.72 24.97
C ALA B 82 -13.18 -3.69 23.84
N TYR B 83 -13.46 -4.46 22.79
CA TYR B 83 -12.73 -4.41 21.52
C TYR B 83 -13.57 -3.57 20.56
N ILE B 84 -12.95 -2.56 19.96
CA ILE B 84 -13.69 -1.63 19.10
C ILE B 84 -12.97 -1.50 17.76
N ASP B 85 -13.78 -1.07 16.82
CA ASP B 85 -13.33 -0.44 15.55
C ASP B 85 -13.56 1.05 15.70
N TYR B 86 -12.48 1.83 15.74
CA TYR B 86 -12.61 3.29 15.98
C TYR B 86 -12.84 4.08 14.65
N ALA B 87 -12.87 3.35 13.52
CA ALA B 87 -13.40 3.82 12.22
C ALA B 87 -12.98 5.22 11.84
N PRO B 88 -11.66 5.47 11.67
CA PRO B 88 -11.21 6.80 11.35
C PRO B 88 -11.78 7.29 10.01
N GLY B 89 -12.07 8.56 10.03
CA GLY B 89 -12.53 9.38 8.89
C GLY B 89 -14.01 9.14 8.65
N THR B 90 -14.66 8.39 9.54
CA THR B 90 -16.11 8.16 9.52
C THR B 90 -16.67 8.28 10.94
N THR B 91 -17.97 8.12 11.06
CA THR B 91 -18.59 8.02 12.40
C THR B 91 -18.90 6.57 12.74
N ASN B 92 -18.52 5.61 11.87
CA ASN B 92 -19.00 4.18 11.93
C ASN B 92 -18.23 3.31 12.94
N ASP B 93 -17.93 3.88 14.08
CA ASP B 93 -17.35 3.10 15.19
C ASP B 93 -18.31 2.00 15.64
N LYS B 94 -17.67 0.92 16.14
CA LYS B 94 -18.36 -0.30 16.56
C LYS B 94 -17.67 -0.92 17.74
N ILE B 95 -18.51 -1.50 18.61
CA ILE B 95 -18.01 -2.48 19.59
C ILE B 95 -17.98 -3.85 18.91
N LEU B 96 -16.82 -4.47 18.77
CA LEU B 96 -16.62 -5.80 18.15
C LEU B 96 -16.76 -6.89 19.22
N SER B 97 -16.35 -6.62 20.46
CA SER B 97 -16.42 -7.65 21.53
C SER B 97 -16.66 -6.90 22.83
N GLY B 98 -17.43 -7.48 23.73
CA GLY B 98 -17.77 -6.84 25.02
C GLY B 98 -18.92 -5.86 24.87
N PRO B 99 -19.08 -4.92 25.83
CA PRO B 99 -18.22 -4.80 27.00
C PRO B 99 -18.30 -6.04 27.88
N THR B 100 -17.20 -6.37 28.52
CA THR B 100 -17.12 -7.49 29.51
C THR B 100 -15.94 -7.18 30.43
N THR B 101 -15.73 -8.01 31.43
CA THR B 101 -14.60 -7.82 32.35
C THR B 101 -13.28 -8.15 31.64
N ILE B 102 -12.22 -7.61 32.20
CA ILE B 102 -10.86 -7.97 31.71
C ILE B 102 -10.68 -9.46 31.79
N ALA B 103 -11.07 -10.11 32.92
CA ALA B 103 -10.85 -11.57 33.10
C ALA B 103 -11.64 -12.34 32.07
N GLU B 104 -12.84 -11.87 31.69
CA GLU B 104 -13.57 -12.62 30.64
C GLU B 104 -12.96 -12.37 29.25
N MET B 105 -12.51 -11.15 28.95
CA MET B 105 -11.94 -10.81 27.62
C MET B 105 -10.62 -11.54 27.42
N PHE B 106 -9.82 -11.60 28.47
CA PHE B 106 -8.48 -12.22 28.42
C PHE B 106 -8.35 -13.18 29.61
N PRO B 107 -8.82 -14.44 29.49
CA PRO B 107 -8.77 -15.34 30.63
C PRO B 107 -7.37 -15.54 31.23
N VAL B 108 -6.29 -15.39 30.50
CA VAL B 108 -4.96 -15.54 31.12
C VAL B 108 -4.76 -14.45 32.18
N LEU B 109 -5.51 -13.35 32.12
CA LEU B 109 -5.34 -12.28 33.12
C LEU B 109 -6.26 -12.49 34.32
N LYS B 110 -7.14 -13.47 34.30
CA LYS B 110 -7.99 -13.71 35.48
C LYS B 110 -7.01 -14.02 36.65
N ASN B 111 -7.35 -13.48 37.82
CA ASN B 111 -6.60 -13.70 39.06
C ASN B 111 -5.24 -13.04 39.10
N THR B 112 -4.80 -12.34 38.04
CA THR B 112 -3.54 -11.62 37.96
C THR B 112 -3.73 -10.17 38.43
N VAL B 113 -2.62 -9.47 38.49
CA VAL B 113 -2.66 -8.06 38.83
C VAL B 113 -3.44 -7.20 37.83
N PHE B 114 -3.69 -7.71 36.64
CA PHE B 114 -4.42 -6.95 35.62
C PHE B 114 -5.96 -7.07 35.70
N GLU B 115 -6.45 -8.05 36.49
CA GLU B 115 -7.90 -8.32 36.40
C GLU B 115 -8.76 -7.10 36.81
N ASP B 116 -8.35 -6.34 37.80
CA ASP B 116 -9.22 -5.20 38.27
C ASP B 116 -8.96 -3.89 37.49
N GLY B 117 -8.01 -3.89 36.56
CA GLY B 117 -7.74 -2.71 35.75
C GLY B 117 -6.30 -2.80 35.30
N ILE B 118 -6.05 -2.11 34.20
CA ILE B 118 -4.67 -1.96 33.64
C ILE B 118 -4.38 -0.46 33.61
N ASP B 119 -3.18 -0.11 34.02
CA ASP B 119 -2.84 1.33 34.01
C ASP B 119 -2.55 1.87 32.60
N SER B 120 -1.80 1.14 31.81
CA SER B 120 -1.24 1.62 30.57
C SER B 120 -0.91 0.45 29.68
N ALA B 121 -0.79 0.66 28.38
CA ALA B 121 -0.43 -0.37 27.40
C ALA B 121 0.15 0.26 26.13
N PHE B 122 0.96 -0.43 25.39
CA PHE B 122 1.27 0.02 24.02
C PHE B 122 1.64 -1.18 23.16
N ARG B 123 1.46 -0.98 21.86
CA ARG B 123 1.70 -1.99 20.81
C ARG B 123 3.17 -2.20 20.52
N SER B 124 3.59 -3.47 20.56
CA SER B 124 4.98 -3.76 20.18
C SER B 124 5.13 -3.84 18.66
N THR B 125 6.39 -3.77 18.21
CA THR B 125 6.76 -4.10 16.82
C THR B 125 6.79 -5.62 16.63
N LYS B 126 6.83 -6.40 17.72
CA LYS B 126 7.01 -7.85 17.54
C LYS B 126 5.64 -8.52 17.47
N GLY B 127 5.42 -9.24 16.38
CA GLY B 127 4.24 -10.07 16.26
C GLY B 127 3.00 -9.26 16.58
N LYS B 128 2.14 -9.82 17.41
CA LYS B 128 0.86 -9.27 17.90
C LYS B 128 1.00 -8.95 19.38
N GLU B 129 2.22 -8.64 19.82
CA GLU B 129 2.47 -8.38 21.24
C GLU B 129 2.09 -6.96 21.64
N VAL B 130 1.62 -6.88 22.89
CA VAL B 130 1.21 -5.65 23.54
C VAL B 130 1.82 -5.63 24.92
N TYR B 131 2.45 -4.55 25.33
CA TYR B 131 2.90 -4.31 26.69
C TYR B 131 1.78 -3.81 27.57
N LEU B 132 1.62 -4.44 28.73
CA LEU B 132 0.59 -4.07 29.72
C LEU B 132 1.27 -3.68 31.03
N PHE B 133 0.87 -2.58 31.63
CA PHE B 133 1.45 -2.04 32.87
C PHE B 133 0.39 -1.90 33.95
N LYS B 134 0.79 -2.29 35.16
CA LYS B 134 -0.06 -2.16 36.31
C LYS B 134 0.82 -1.97 37.54
N GLY B 135 0.71 -0.82 38.20
CA GLY B 135 1.66 -0.50 39.26
C GLY B 135 3.04 -0.54 38.72
N ASN B 136 3.96 -1.12 39.49
CA ASN B 136 5.37 -1.24 39.07
C ASN B 136 5.59 -2.56 38.32
N LYS B 137 4.54 -3.20 37.84
CA LYS B 137 4.60 -4.50 37.15
C LYS B 137 4.22 -4.35 35.69
N TYR B 138 4.67 -5.29 34.89
CA TYR B 138 4.30 -5.34 33.46
C TYR B 138 4.26 -6.76 32.96
N GLY B 139 3.58 -6.97 31.88
CA GLY B 139 3.70 -8.18 31.05
C GLY B 139 3.50 -7.90 29.60
N ARG B 140 3.51 -8.95 28.79
CA ARG B 140 3.20 -8.84 27.39
C ARG B 140 2.15 -9.89 27.05
N ILE B 141 1.16 -9.46 26.29
CA ILE B 141 0.15 -10.36 25.77
C ILE B 141 0.22 -10.34 24.24
N ALA B 142 -0.03 -11.44 23.60
CA ALA B 142 -0.29 -11.51 22.16
C ALA B 142 -1.79 -11.34 21.99
N TYR B 143 -2.27 -10.28 21.37
CA TYR B 143 -3.72 -9.98 21.40
C TYR B 143 -4.55 -10.98 20.60
N ASP B 144 -3.97 -11.65 19.62
CA ASP B 144 -4.76 -12.55 18.75
C ASP B 144 -5.01 -13.91 19.42
N SER B 145 -3.98 -14.50 19.99
CA SER B 145 -4.06 -15.76 20.78
C SER B 145 -4.56 -15.46 22.18
N LYS B 146 -4.39 -14.25 22.63
CA LYS B 146 -4.68 -13.79 24.01
C LYS B 146 -3.75 -14.47 25.05
N GLN B 147 -2.64 -14.97 24.64
CA GLN B 147 -1.71 -15.62 25.57
C GLN B 147 -0.63 -14.64 26.03
N LEU B 148 -0.16 -14.83 27.27
CA LEU B 148 1.00 -14.09 27.77
C LEU B 148 2.30 -14.57 27.11
N VAL B 149 3.22 -13.67 26.99
CA VAL B 149 4.59 -13.97 26.55
C VAL B 149 5.43 -13.75 27.78
N GLY B 150 6.00 -14.81 28.37
CA GLY B 150 6.62 -14.64 29.68
C GLY B 150 5.62 -14.52 30.83
N THR B 151 6.14 -13.98 31.92
CA THR B 151 5.46 -13.79 33.21
C THR B 151 5.33 -12.33 33.51
N ILE B 152 4.64 -11.99 34.59
CA ILE B 152 4.42 -10.57 34.97
C ILE B 152 5.54 -10.21 35.95
N ARG B 153 6.32 -9.24 35.57
CA ARG B 153 7.57 -8.90 36.27
C ARG B 153 7.60 -7.41 36.63
N ASN B 154 8.64 -6.90 37.25
CA ASN B 154 8.77 -5.46 37.44
C ASN B 154 9.01 -4.80 36.09
N ILE B 155 8.51 -3.58 35.98
CA ILE B 155 8.82 -2.76 34.76
C ILE B 155 10.32 -2.78 34.46
N THR B 156 11.11 -2.56 35.49
CA THR B 156 12.56 -2.47 35.24
C THR B 156 13.26 -3.80 35.02
N ASP B 157 12.53 -4.92 35.11
CA ASP B 157 13.14 -6.19 34.65
C ASP B 157 13.15 -6.19 33.10
N GLY B 158 12.12 -5.65 32.48
CA GLY B 158 12.05 -5.55 31.01
C GLY B 158 12.75 -4.30 30.48
N PHE B 159 12.69 -3.24 31.31
CA PHE B 159 13.09 -1.89 30.88
C PHE B 159 14.02 -1.26 31.90
N PRO B 160 15.25 -1.83 32.08
CA PRO B 160 16.11 -1.30 33.13
C PRO B 160 16.48 0.13 32.80
N VAL B 161 16.38 0.61 31.54
CA VAL B 161 16.66 2.04 31.29
C VAL B 161 15.75 2.95 32.11
N LEU B 162 14.59 2.43 32.58
CA LEU B 162 13.70 3.24 33.40
C LEU B 162 14.04 3.19 34.87
N LYS B 163 15.08 2.50 35.27
CA LYS B 163 15.52 2.58 36.68
C LYS B 163 15.93 4.02 36.98
N GLY B 164 15.55 4.49 38.16
CA GLY B 164 15.93 5.85 38.53
C GLY B 164 15.03 6.90 37.92
N THR B 165 14.03 6.54 37.13
CA THR B 165 13.13 7.47 36.44
C THR B 165 11.78 7.42 37.15
N ILE B 166 10.93 8.41 36.88
CA ILE B 166 9.59 8.48 37.47
C ILE B 166 8.72 7.31 36.98
N PHE B 167 9.14 6.55 35.95
CA PHE B 167 8.34 5.45 35.36
C PHE B 167 8.58 4.11 36.06
N GLU B 168 9.61 4.02 36.87
CA GLU B 168 9.98 2.74 37.49
C GLU B 168 8.82 2.22 38.37
N SER B 169 8.06 3.15 38.94
CA SER B 169 6.94 2.87 39.84
C SER B 169 5.61 2.70 39.12
N GLY B 170 5.59 3.00 37.83
CA GLY B 170 4.39 2.84 37.03
C GLY B 170 4.28 3.86 35.90
N ILE B 171 3.41 3.54 34.96
CA ILE B 171 3.16 4.38 33.77
C ILE B 171 1.67 4.68 33.75
N ASP B 172 1.27 5.93 33.51
CA ASP B 172 -0.15 6.35 33.50
C ASP B 172 -0.83 6.19 32.13
N ALA B 173 -0.06 6.34 31.07
CA ALA B 173 -0.57 6.26 29.70
C ALA B 173 0.59 6.02 28.79
N SER B 174 0.34 5.49 27.61
CA SER B 174 1.42 5.22 26.69
C SER B 174 0.85 4.92 25.29
N PHE B 175 1.68 5.13 24.26
CA PHE B 175 1.31 4.62 22.91
C PHE B 175 2.58 4.42 22.12
N ALA B 176 2.47 3.48 21.22
CA ALA B 176 3.54 3.24 20.24
C ALA B 176 3.53 4.32 19.16
N SER B 177 4.68 4.72 18.77
CA SER B 177 4.82 5.69 17.69
C SER B 177 4.72 4.99 16.33
N HIS B 178 4.30 5.78 15.33
CA HIS B 178 4.43 5.38 13.91
C HIS B 178 5.90 5.24 13.51
N LYS B 179 6.77 5.91 14.21
CA LYS B 179 8.20 5.79 14.00
C LYS B 179 8.68 4.61 14.85
N GLU B 180 8.86 3.50 14.23
CA GLU B 180 9.28 2.32 14.99
C GLU B 180 10.76 2.46 15.32
N PRO B 181 11.24 1.87 16.44
CA PRO B 181 10.47 1.20 17.48
C PRO B 181 10.37 2.13 18.71
N GLU B 182 9.71 3.26 18.48
CA GLU B 182 9.56 4.27 19.55
C GLU B 182 8.21 4.18 20.21
N ALA B 183 8.19 4.68 21.44
CA ALA B 183 6.97 4.71 22.24
C ALA B 183 7.02 5.93 23.15
N TYR B 184 5.85 6.43 23.53
CA TYR B 184 5.74 7.50 24.51
C TYR B 184 5.09 6.98 25.77
N LEU B 185 5.80 7.33 26.87
CA LEU B 185 5.33 6.98 28.22
C LEU B 185 4.98 8.27 28.94
N PHE B 186 3.81 8.28 29.58
CA PHE B 186 3.32 9.43 30.34
C PHE B 186 3.20 9.02 31.81
N LYS B 187 3.58 9.97 32.70
CA LYS B 187 3.37 9.79 34.15
C LYS B 187 3.06 11.15 34.73
N GLY B 188 1.88 11.29 35.26
CA GLY B 188 1.51 12.63 35.74
C GLY B 188 1.50 13.63 34.60
N ALA B 189 2.18 14.75 34.78
CA ALA B 189 2.25 15.80 33.75
C ALA B 189 3.57 15.67 32.99
N GLN B 190 4.30 14.57 33.06
CA GLN B 190 5.55 14.35 32.34
C GLN B 190 5.50 13.17 31.37
N TYR B 191 6.52 13.13 30.52
CA TYR B 191 6.60 12.05 29.55
C TYR B 191 8.02 11.82 29.13
N VAL B 192 8.22 10.69 28.49
CA VAL B 192 9.47 10.38 27.80
C VAL B 192 9.19 9.59 26.52
N ARG B 193 10.09 9.74 25.56
CA ARG B 193 10.10 8.93 24.36
C ARG B 193 11.19 7.85 24.54
N ILE B 194 10.81 6.62 24.26
CA ILE B 194 11.78 5.51 24.34
CA ILE B 194 11.68 5.43 24.40
C ILE B 194 11.84 4.84 23.00
N LYS B 195 13.00 4.24 22.77
CA LYS B 195 13.22 3.28 21.70
C LYS B 195 13.26 1.92 22.43
N PHE B 196 12.25 1.10 22.20
CA PHE B 196 12.17 -0.13 22.95
C PHE B 196 12.65 -1.29 22.08
N THR B 197 13.14 -2.33 22.75
CA THR B 197 13.78 -3.50 22.12
C THR B 197 13.07 -4.76 22.60
N PRO B 198 12.09 -5.30 21.85
CA PRO B 198 11.34 -6.49 22.29
C PRO B 198 12.25 -7.64 22.74
N GLY B 199 11.97 -8.14 23.94
CA GLY B 199 12.64 -9.34 24.49
C GLY B 199 14.05 -9.06 25.07
N ALA B 200 14.56 -7.86 24.89
CA ALA B 200 15.94 -7.50 25.27
C ALA B 200 15.95 -6.31 26.19
N THR B 201 16.96 -6.16 27.02
CA THR B 201 17.11 -4.99 27.93
C THR B 201 17.99 -3.91 27.26
N ASN B 202 17.73 -3.62 26.00
CA ASN B 202 18.56 -2.65 25.25
C ASN B 202 17.78 -1.36 24.90
N ASN B 203 16.68 -1.15 25.56
CA ASN B 203 15.89 0.05 25.35
C ASN B 203 16.67 1.30 25.66
N THR B 204 16.38 2.38 24.93
CA THR B 204 17.03 3.69 25.22
C THR B 204 16.02 4.76 25.37
N LEU B 205 16.42 5.79 26.10
CA LEU B 205 15.61 7.03 26.08
C LEU B 205 16.00 7.83 24.86
N THR B 206 15.02 8.46 24.26
CA THR B 206 15.27 9.40 23.14
C THR B 206 15.05 10.75 23.80
N GLY B 207 16.10 11.52 24.08
CA GLY B 207 15.90 12.74 24.90
C GLY B 207 15.63 12.46 26.38
N LYS B 208 14.96 13.38 27.03
CA LYS B 208 14.92 13.53 28.48
C LYS B 208 13.46 13.38 28.92
N VAL B 209 13.26 12.95 30.17
CA VAL B 209 11.92 12.97 30.81
C VAL B 209 11.60 14.44 31.02
N ARG B 210 10.43 14.89 30.63
CA ARG B 210 10.15 16.33 30.68
C ARG B 210 8.67 16.56 30.74
N PRO B 211 8.25 17.79 31.04
CA PRO B 211 6.84 18.14 31.03
C PRO B 211 6.15 17.90 29.66
N ILE B 212 5.02 17.26 29.68
CA ILE B 212 4.18 17.10 28.47
C ILE B 212 4.05 18.36 27.66
N LEU B 213 3.67 19.44 28.32
CA LEU B 213 3.41 20.68 27.60
C LEU B 213 4.68 21.29 27.02
N ASP B 214 5.88 20.92 27.45
CA ASP B 214 7.09 21.42 26.78
C ASP B 214 7.20 20.75 25.40
N GLY B 215 6.87 19.48 25.32
CA GLY B 215 7.02 18.74 24.06
C GLY B 215 5.79 18.73 23.17
N TRP B 216 4.63 18.93 23.77
CA TRP B 216 3.29 18.88 23.14
C TRP B 216 2.49 20.15 23.39
N PRO B 217 3.06 21.32 22.97
CA PRO B 217 2.39 22.57 23.35
C PRO B 217 0.98 22.77 22.77
N CYS B 218 0.63 21.95 21.78
CA CYS B 218 -0.73 22.05 21.22
C CYS B 218 -1.76 21.65 22.27
N LEU B 219 -1.36 21.01 23.37
CA LEU B 219 -2.33 20.56 24.43
C LEU B 219 -2.43 21.59 25.55
N ARG B 220 -1.75 22.69 25.44
CA ARG B 220 -1.64 23.64 26.56
C ARG B 220 -2.94 24.27 27.00
N ASP B 221 -3.96 24.33 26.13
CA ASP B 221 -5.27 24.90 26.57
C ASP B 221 -6.22 23.83 27.09
N ILE B 222 -5.80 22.57 27.07
CA ILE B 222 -6.62 21.46 27.64
C ILE B 222 -6.08 20.93 28.98
N LEU B 223 -4.80 20.67 29.04
CA LEU B 223 -4.24 20.02 30.24
C LEU B 223 -4.08 21.07 31.33
N PRO B 224 -4.78 20.79 32.46
CA PRO B 224 -5.29 21.76 33.43
C PRO B 224 -5.36 23.23 33.04
N ALA C 1 18.89 21.59 -1.59
CA ALA C 1 17.94 21.52 -2.76
C ALA C 1 18.49 20.58 -3.84
N SER C 2 17.65 19.77 -4.45
CA SER C 2 18.02 18.90 -5.58
C SER C 2 17.73 19.73 -6.83
N TYR C 3 18.77 20.22 -7.50
CA TYR C 3 18.57 21.00 -8.74
C TYR C 3 17.96 20.15 -9.84
N ILE C 4 18.41 18.91 -9.99
CA ILE C 4 17.88 17.97 -11.01
C ILE C 4 17.25 16.80 -10.28
N ASN C 5 16.02 16.48 -10.58
CA ASN C 5 15.31 15.35 -9.91
C ASN C 5 15.37 14.06 -10.73
N ALA C 6 15.63 14.11 -12.02
CA ALA C 6 15.69 12.88 -12.84
C ALA C 6 16.31 13.25 -14.16
N ALA C 7 16.86 12.29 -14.87
CA ALA C 7 17.39 12.48 -16.20
C ALA C 7 17.31 11.13 -16.93
N PHE C 8 17.30 11.18 -18.24
CA PHE C 8 17.52 10.00 -19.08
C PHE C 8 18.13 10.40 -20.38
N ARG C 9 18.83 9.41 -20.98
CA ARG C 9 19.54 9.57 -22.25
C ARG C 9 18.57 9.31 -23.43
N SER C 10 18.49 10.21 -24.39
CA SER C 10 17.59 10.06 -25.55
C SER C 10 18.16 9.01 -26.50
N SER C 11 17.27 8.42 -27.28
CA SER C 11 17.67 7.66 -28.50
C SER C 11 18.40 8.55 -29.47
N ARG C 12 18.15 9.84 -29.46
CA ARG C 12 18.83 10.84 -30.31
C ARG C 12 20.22 11.15 -29.76
N ALA C 13 21.20 11.07 -30.65
CA ALA C 13 22.62 11.22 -30.24
C ALA C 13 22.87 12.52 -29.45
N TYR C 14 23.52 12.38 -28.27
CA TYR C 14 23.98 13.49 -27.40
C TYR C 14 22.81 14.39 -27.01
N GLU C 15 21.65 13.78 -26.82
CA GLU C 15 20.52 14.54 -26.22
C GLU C 15 20.12 13.91 -24.86
N VAL C 16 19.88 14.79 -23.90
CA VAL C 16 19.50 14.37 -22.53
C VAL C 16 18.24 15.13 -22.12
N TYR C 17 17.36 14.44 -21.41
CA TYR C 17 16.19 15.05 -20.74
C TYR C 17 16.48 15.23 -19.28
N PHE C 18 16.31 16.45 -18.75
CA PHE C 18 16.44 16.71 -17.31
C PHE C 18 15.06 17.12 -16.80
N PHE C 19 14.68 16.59 -15.66
CA PHE C 19 13.39 16.91 -14.99
C PHE C 19 13.67 17.62 -13.70
N GLU C 20 12.98 18.75 -13.55
CA GLU C 20 13.10 19.61 -12.37
C GLU C 20 11.73 19.99 -11.89
N CYS C 21 11.31 19.37 -10.78
CA CYS C 21 9.95 19.54 -10.25
C CYS C 21 8.99 19.10 -11.36
N ASN C 22 8.06 19.98 -11.72
CA ASN C 22 7.01 19.70 -12.73
C ASN C 22 7.42 20.16 -14.11
N LYS C 23 8.71 20.41 -14.34
CA LYS C 23 9.22 20.95 -15.61
C LYS C 23 10.33 20.09 -16.16
N TYR C 24 10.74 20.34 -17.40
CA TYR C 24 11.89 19.65 -17.99
C TYR C 24 12.56 20.56 -19.01
N VAL C 25 13.76 20.16 -19.38
CA VAL C 25 14.49 20.68 -20.54
C VAL C 25 15.09 19.49 -21.31
N ARG C 26 15.40 19.70 -22.58
CA ARG C 26 16.17 18.74 -23.37
C ARG C 26 17.37 19.51 -23.89
N VAL C 27 18.54 18.97 -23.62
CA VAL C 27 19.86 19.56 -23.93
C VAL C 27 20.66 18.71 -24.90
N TYR C 28 21.24 19.35 -25.90
CA TYR C 28 22.30 18.75 -26.73
C TYR C 28 23.62 18.99 -25.98
N TYR C 29 24.28 17.91 -25.55
CA TYR C 29 25.44 18.09 -24.65
C TYR C 29 26.68 17.69 -25.42
N THR C 30 27.79 18.35 -25.15
CA THR C 30 29.02 18.14 -25.90
C THR C 30 30.15 17.94 -24.90
N PRO C 31 30.35 16.67 -24.47
CA PRO C 31 31.41 16.37 -23.48
C PRO C 31 32.76 16.89 -23.96
N GLY C 32 33.45 17.62 -23.13
CA GLY C 32 34.81 18.09 -23.43
C GLY C 32 34.88 19.33 -24.30
N LYS C 33 33.79 20.03 -24.55
CA LYS C 33 33.72 21.26 -25.36
C LYS C 33 32.63 22.16 -24.82
N THR C 34 32.79 23.45 -25.05
CA THR C 34 31.84 24.45 -24.56
C THR C 34 30.75 24.66 -25.59
N ASP C 35 29.97 23.65 -25.89
CA ASP C 35 29.08 23.70 -27.07
C ASP C 35 27.72 23.12 -26.77
N ASP C 36 27.38 23.04 -25.49
CA ASP C 36 26.06 22.52 -25.10
C ASP C 36 24.99 23.47 -25.62
N LYS C 37 23.85 22.96 -26.08
CA LYS C 37 22.73 23.80 -26.56
C LYS C 37 21.39 23.32 -26.04
N ILE C 38 20.46 24.21 -25.93
CA ILE C 38 19.07 23.85 -25.64
C ILE C 38 18.44 23.31 -26.93
N LEU C 39 17.69 22.25 -26.78
CA LEU C 39 16.80 21.71 -27.81
C LEU C 39 15.33 21.96 -27.50
N THR C 40 14.97 21.80 -26.24
CA THR C 40 13.63 22.12 -25.69
C THR C 40 13.85 22.99 -24.47
N ASN C 41 13.41 24.22 -24.53
CA ASN C 41 13.46 25.17 -23.42
C ASN C 41 12.54 24.76 -22.28
N LEU C 42 12.80 25.31 -21.12
CA LEU C 42 12.14 24.89 -19.88
C LEU C 42 10.64 25.01 -20.11
N ARG C 43 9.91 23.94 -19.83
CA ARG C 43 8.47 23.87 -19.99
C ARG C 43 7.89 22.79 -19.06
N LEU C 44 6.59 22.83 -18.83
CA LEU C 44 5.95 21.80 -18.01
C LEU C 44 6.11 20.43 -18.62
N ILE C 45 6.28 19.45 -17.79
CA ILE C 45 6.27 18.01 -18.23
C ILE C 45 4.96 17.75 -19.01
N SER C 46 3.84 18.31 -18.58
CA SER C 46 2.58 18.01 -19.27
C SER C 46 2.58 18.57 -20.70
N SER C 47 3.41 19.55 -20.99
CA SER C 47 3.46 20.11 -22.37
C SER C 47 4.23 19.20 -23.34
N GLY C 48 5.32 18.60 -22.90
CA GLY C 48 6.11 17.64 -23.70
C GLY C 48 5.52 16.25 -23.71
N PHE C 49 4.85 15.91 -22.61
CA PHE C 49 4.36 14.53 -22.33
C PHE C 49 2.89 14.60 -21.92
N PRO C 50 1.99 14.93 -22.87
CA PRO C 50 0.60 15.16 -22.49
C PRO C 50 -0.06 13.88 -21.97
N SER C 51 0.47 12.67 -22.26
CA SER C 51 -0.14 11.41 -21.73
C SER C 51 0.04 11.36 -20.22
N LEU C 52 0.92 12.20 -19.68
CA LEU C 52 1.22 12.20 -18.26
C LEU C 52 0.41 13.28 -17.56
N ALA C 53 -0.24 14.18 -18.27
CA ALA C 53 -1.10 15.20 -17.59
C ALA C 53 -2.09 14.53 -16.62
N GLY C 54 -2.35 15.10 -15.49
CA GLY C 54 -3.26 14.54 -14.46
C GLY C 54 -2.65 13.46 -13.59
N THR C 55 -1.38 13.10 -13.83
CA THR C 55 -0.70 12.04 -13.06
C THR C 55 0.33 12.69 -12.13
N ALA C 56 0.87 11.87 -11.25
CA ALA C 56 1.98 12.23 -10.36
C ALA C 56 3.22 12.57 -11.17
N PHE C 57 3.32 12.02 -12.38
CA PHE C 57 4.53 12.29 -13.20
C PHE C 57 4.52 13.72 -13.73
N ALA C 58 3.35 14.37 -13.80
CA ALA C 58 3.26 15.79 -14.19
C ALA C 58 3.25 16.68 -12.95
N GLU C 59 2.51 16.26 -11.91
CA GLU C 59 2.40 17.02 -10.64
C GLU C 59 2.46 16.00 -9.52
N PRO C 60 3.55 15.92 -8.72
CA PRO C 60 4.59 16.94 -8.66
C PRO C 60 5.69 16.85 -9.71
N GLY C 61 5.76 15.75 -10.42
CA GLY C 61 6.81 15.59 -11.44
C GLY C 61 7.55 14.26 -11.29
N ILE C 62 8.37 13.97 -12.25
CA ILE C 62 9.19 12.72 -12.35
C ILE C 62 10.40 12.83 -11.43
N ASP C 63 10.56 11.85 -10.55
CA ASP C 63 11.63 11.84 -9.53
C ASP C 63 12.63 10.70 -9.76
N CYS C 64 12.51 9.97 -10.85
CA CYS C 64 13.50 8.99 -11.27
C CYS C 64 13.14 8.57 -12.68
N SER C 65 14.11 8.18 -13.44
CA SER C 65 13.86 7.76 -14.83
C SER C 65 15.08 6.99 -15.38
N PHE C 66 14.84 6.14 -16.36
CA PHE C 66 15.94 5.57 -17.14
C PHE C 66 15.47 5.22 -18.54
N ASP C 67 16.31 5.46 -19.51
CA ASP C 67 16.08 4.92 -20.85
C ASP C 67 16.28 3.42 -20.92
N THR C 68 15.56 2.76 -21.84
CA THR C 68 15.78 1.30 -22.11
C THR C 68 16.33 1.05 -23.50
N GLU C 69 15.47 1.20 -24.49
CA GLU C 69 15.78 1.00 -25.91
C GLU C 69 14.86 1.90 -26.72
N ALA C 70 15.17 1.99 -28.01
CA ALA C 70 14.29 2.79 -28.89
C ALA C 70 14.06 4.15 -28.24
N SER C 71 12.85 4.72 -28.32
CA SER C 71 12.54 5.98 -27.58
C SER C 71 11.63 5.65 -26.40
N GLU C 72 12.09 4.66 -25.63
CA GLU C 72 11.33 4.21 -24.46
C GLU C 72 12.13 4.43 -23.17
N ALA C 73 11.39 4.66 -22.11
CA ALA C 73 11.98 4.94 -20.78
C ALA C 73 10.99 4.55 -19.71
N TYR C 74 11.50 4.16 -18.56
CA TYR C 74 10.71 4.11 -17.30
C TYR C 74 10.79 5.44 -16.58
N VAL C 75 9.67 5.92 -16.06
CA VAL C 75 9.61 7.14 -15.23
C VAL C 75 8.90 6.81 -13.93
N PHE C 76 9.22 7.55 -12.89
CA PHE C 76 8.84 7.27 -11.51
C PHE C 76 8.36 8.58 -10.92
N SER C 77 7.48 8.44 -9.96
CA SER C 77 7.08 9.54 -9.06
C SER C 77 6.60 8.90 -7.76
N GLY C 78 7.35 9.04 -6.70
CA GLY C 78 7.15 8.27 -5.47
C GLY C 78 7.11 6.78 -5.76
N SER C 79 6.05 6.11 -5.30
CA SER C 79 5.93 4.67 -5.53
C SER C 79 5.36 4.34 -6.90
N GLN C 80 4.97 5.35 -7.69
CA GLN C 80 4.37 5.10 -9.02
C GLN C 80 5.46 5.03 -10.09
N CYS C 81 5.18 4.25 -11.11
N CYS C 81 5.16 4.22 -11.08
CA CYS C 81 6.08 4.23 -12.25
CA CYS C 81 6.09 3.93 -12.20
C CYS C 81 5.29 3.84 -13.48
C CYS C 81 5.24 3.85 -13.47
N ALA C 82 5.80 4.25 -14.61
CA ALA C 82 5.20 3.98 -15.91
C ALA C 82 6.30 3.69 -16.91
N TYR C 83 5.98 2.87 -17.93
CA TYR C 83 6.86 2.75 -19.12
C TYR C 83 6.23 3.65 -20.17
N ILE C 84 7.06 4.48 -20.78
CA ILE C 84 6.61 5.48 -21.78
C ILE C 84 7.45 5.37 -23.04
N ASP C 85 6.80 5.78 -24.13
CA ASP C 85 7.45 6.30 -25.36
C ASP C 85 7.49 7.85 -25.25
N TYR C 86 8.68 8.40 -25.14
CA TYR C 86 8.87 9.83 -24.89
C TYR C 86 8.88 10.63 -26.18
N ALA C 87 8.72 9.97 -27.34
CA ALA C 87 8.41 10.65 -28.61
C ALA C 87 9.20 11.95 -28.80
N PRO C 88 10.51 11.83 -29.01
CA PRO C 88 11.36 13.01 -29.18
C PRO C 88 10.92 13.95 -30.29
N GLY C 89 10.93 15.22 -29.92
CA GLY C 89 10.63 16.35 -30.81
C GLY C 89 9.16 16.54 -30.98
N THR C 90 8.30 15.80 -30.31
CA THR C 90 6.84 15.79 -30.61
C THR C 90 6.09 15.71 -29.30
N THR C 91 4.78 15.78 -29.35
CA THR C 91 3.93 15.57 -28.15
C THR C 91 3.14 14.30 -28.34
N ASN C 92 3.58 13.39 -29.21
CA ASN C 92 2.96 12.07 -29.52
C ASN C 92 3.47 10.99 -28.54
N ASP C 93 3.58 11.34 -27.26
CA ASP C 93 4.05 10.41 -26.20
C ASP C 93 2.98 9.34 -25.96
N LYS C 94 3.34 8.30 -25.26
N LYS C 94 3.41 8.21 -25.42
CA LYS C 94 2.33 7.26 -24.94
CA LYS C 94 2.55 7.05 -25.09
C LYS C 94 2.81 6.49 -23.72
C LYS C 94 2.85 6.60 -23.66
N ILE C 95 1.84 6.15 -22.85
CA ILE C 95 2.09 5.20 -21.74
C ILE C 95 2.01 3.78 -22.31
N LEU C 96 3.11 3.07 -22.26
CA LEU C 96 3.26 1.70 -22.78
C LEU C 96 2.92 0.65 -21.74
N SER C 97 3.05 0.97 -20.46
CA SER C 97 2.74 0.02 -19.36
C SER C 97 2.49 0.80 -18.09
N GLY C 98 1.50 0.39 -17.31
CA GLY C 98 1.08 1.04 -16.06
C GLY C 98 0.18 2.23 -16.36
N PRO C 99 0.33 3.33 -15.63
CA PRO C 99 1.21 3.44 -14.45
C PRO C 99 0.73 2.50 -13.36
N THR C 100 1.69 2.03 -12.61
CA THR C 100 1.41 1.14 -11.46
C THR C 100 2.47 1.37 -10.40
N THR C 101 2.42 0.61 -9.31
CA THR C 101 3.50 0.73 -8.31
C THR C 101 4.80 0.10 -8.80
N ILE C 102 5.89 0.53 -8.21
CA ILE C 102 7.19 -0.10 -8.55
C ILE C 102 7.17 -1.62 -8.37
N ALA C 103 6.56 -2.11 -7.31
CA ALA C 103 6.56 -3.55 -6.99
C ALA C 103 5.68 -4.27 -8.00
N GLU C 104 4.63 -3.65 -8.51
CA GLU C 104 3.85 -4.34 -9.55
C GLU C 104 4.60 -4.33 -10.88
N MET C 105 5.33 -3.23 -11.17
CA MET C 105 6.02 -3.16 -12.46
C MET C 105 7.20 -4.16 -12.43
N PHE C 106 7.90 -4.20 -11.30
CA PHE C 106 9.14 -4.96 -11.15
C PHE C 106 9.00 -5.82 -9.90
N PRO C 107 8.31 -6.98 -9.96
CA PRO C 107 8.09 -7.77 -8.76
C PRO C 107 9.32 -8.15 -7.94
N VAL C 108 10.48 -8.25 -8.58
N VAL C 108 10.46 -8.27 -8.58
CA VAL C 108 11.73 -8.61 -7.86
CA VAL C 108 11.70 -8.63 -7.85
C VAL C 108 12.07 -7.52 -6.83
C VAL C 108 12.09 -7.51 -6.86
N LEU C 109 11.53 -6.32 -7.00
CA LEU C 109 11.80 -5.20 -6.08
C LEU C 109 10.85 -5.18 -4.88
N LYS C 110 9.84 -6.04 -4.86
CA LYS C 110 9.00 -6.20 -3.66
C LYS C 110 9.85 -6.57 -2.43
N ASN C 111 9.57 -5.90 -1.32
CA ASN C 111 10.30 -6.19 -0.05
C ASN C 111 11.75 -5.78 -0.12
N THR C 112 12.14 -4.96 -1.11
CA THR C 112 13.47 -4.32 -1.15
C THR C 112 13.35 -2.85 -0.80
N VAL C 113 14.48 -2.19 -0.63
CA VAL C 113 14.47 -0.72 -0.41
C VAL C 113 13.88 0.03 -1.60
N PHE C 114 13.79 -0.58 -2.78
CA PHE C 114 13.31 0.07 -4.00
C PHE C 114 11.79 0.13 -4.06
N GLU C 115 11.10 -0.63 -3.22
CA GLU C 115 9.62 -0.77 -3.34
C GLU C 115 8.92 0.59 -3.19
N ASP C 116 9.37 1.43 -2.25
CA ASP C 116 8.60 2.67 -1.97
C ASP C 116 9.16 3.85 -2.78
N GLY C 117 10.22 3.64 -3.57
CA GLY C 117 10.75 4.74 -4.39
C GLY C 117 12.14 4.38 -4.85
N ILE C 118 12.53 4.91 -6.02
CA ILE C 118 13.92 4.78 -6.52
C ILE C 118 14.47 6.19 -6.65
N ASP C 119 15.69 6.40 -6.14
CA ASP C 119 16.27 7.76 -6.17
C ASP C 119 16.77 8.08 -7.59
N SER C 120 17.46 7.15 -8.21
CA SER C 120 18.18 7.48 -9.44
C SER C 120 18.40 6.19 -10.21
N ALA C 121 18.68 6.29 -11.47
CA ALA C 121 19.00 5.14 -12.32
C ALA C 121 19.76 5.55 -13.55
N PHE C 122 20.49 4.61 -14.16
CA PHE C 122 21.05 4.87 -15.49
C PHE C 122 21.24 3.55 -16.19
N ARG C 123 21.29 3.65 -17.49
CA ARG C 123 21.39 2.55 -18.44
C ARG C 123 22.84 2.07 -18.49
N SER C 124 23.07 0.77 -18.30
CA SER C 124 24.40 0.15 -18.39
C SER C 124 24.74 -0.03 -19.88
N THR C 125 26.04 -0.19 -20.18
CA THR C 125 26.52 -0.69 -21.49
C THR C 125 26.24 -2.18 -21.63
N LYS C 126 26.09 -2.92 -20.53
CA LYS C 126 25.96 -4.41 -20.60
C LYS C 126 24.51 -4.80 -20.83
N GLY C 127 24.27 -5.53 -21.90
CA GLY C 127 22.96 -6.17 -22.11
C GLY C 127 21.85 -5.17 -21.95
N LYS C 128 20.81 -5.58 -21.24
CA LYS C 128 19.60 -4.77 -20.96
C LYS C 128 19.67 -4.33 -19.48
N GLU C 129 20.88 -4.16 -18.97
CA GLU C 129 21.06 -3.82 -17.55
C GLU C 129 20.88 -2.32 -17.28
N VAL C 130 20.32 -2.08 -16.08
CA VAL C 130 20.02 -0.73 -15.55
C VAL C 130 20.53 -0.68 -14.12
N TYR C 131 21.30 0.30 -13.74
CA TYR C 131 21.73 0.61 -12.37
C TYR C 131 20.59 1.33 -11.70
N LEU C 132 20.16 0.86 -10.55
CA LEU C 132 19.14 1.50 -9.68
C LEU C 132 19.79 1.93 -8.36
N PHE C 133 19.43 3.12 -7.90
CA PHE C 133 19.99 3.67 -6.65
C PHE C 133 18.89 4.03 -5.69
N LYS C 134 19.08 3.65 -4.42
CA LYS C 134 18.22 4.10 -3.31
C LYS C 134 19.05 4.22 -2.05
N GLY C 135 18.97 5.37 -1.39
CA GLY C 135 19.85 5.69 -0.28
C GLY C 135 21.27 5.36 -0.64
N ASN C 136 22.04 4.73 0.25
CA ASN C 136 23.44 4.35 -0.02
C ASN C 136 23.55 2.99 -0.75
N LYS C 137 22.46 2.49 -1.32
CA LYS C 137 22.43 1.20 -1.99
C LYS C 137 22.24 1.25 -3.49
N TYR C 138 22.69 0.22 -4.19
CA TYR C 138 22.32 0.08 -5.61
C TYR C 138 22.13 -1.37 -5.94
N GLY C 139 21.40 -1.60 -7.01
CA GLY C 139 21.34 -2.90 -7.67
C GLY C 139 21.33 -2.78 -9.16
N ARG C 140 21.28 -3.88 -9.89
CA ARG C 140 21.15 -3.90 -11.36
C ARG C 140 19.96 -4.75 -11.73
N ILE C 141 19.12 -4.23 -12.58
CA ILE C 141 17.97 -4.99 -13.12
C ILE C 141 18.17 -5.12 -14.62
N ALA C 142 17.75 -6.23 -15.17
CA ALA C 142 17.64 -6.37 -16.62
C ALA C 142 16.22 -5.93 -16.97
N TYR C 143 16.04 -4.90 -17.80
CA TYR C 143 14.69 -4.30 -17.94
C TYR C 143 13.74 -5.23 -18.72
N ASP C 144 14.28 -6.15 -19.53
CA ASP C 144 13.40 -7.04 -20.32
C ASP C 144 12.86 -8.21 -19.47
N SER C 145 13.77 -8.90 -18.82
CA SER C 145 13.47 -10.06 -17.95
C SER C 145 12.99 -9.60 -16.58
N LYS C 146 13.31 -8.36 -16.20
CA LYS C 146 12.99 -7.82 -14.85
C LYS C 146 13.68 -8.59 -13.75
N GLN C 147 14.79 -9.24 -14.04
CA GLN C 147 15.53 -9.98 -13.01
C GLN C 147 16.54 -9.05 -12.34
N LEU C 148 16.82 -9.34 -11.05
CA LEU C 148 17.85 -8.64 -10.28
C LEU C 148 19.19 -9.27 -10.56
N VAL C 149 19.81 -8.82 -11.63
CA VAL C 149 21.06 -9.43 -12.12
C VAL C 149 22.26 -8.90 -11.30
N GLY C 150 22.14 -7.73 -10.67
CA GLY C 150 23.11 -7.19 -9.70
C GLY C 150 22.38 -7.04 -8.43
N THR C 151 22.81 -7.78 -7.44
CA THR C 151 22.12 -7.80 -6.11
C THR C 151 22.43 -6.51 -5.37
N ILE C 152 21.67 -6.29 -4.32
CA ILE C 152 21.60 -4.97 -3.68
C ILE C 152 22.78 -4.83 -2.74
N ARG C 153 23.54 -3.74 -2.88
CA ARG C 153 24.83 -3.58 -2.15
C ARG C 153 25.12 -2.12 -2.01
N ASN C 154 26.04 -1.74 -1.14
CA ASN C 154 26.45 -0.33 -1.03
C ASN C 154 26.98 0.19 -2.34
N ILE C 155 26.62 1.41 -2.65
CA ILE C 155 27.20 2.15 -3.78
C ILE C 155 28.71 2.04 -3.76
N THR C 156 29.34 2.23 -2.62
CA THR C 156 30.83 2.26 -2.58
C THR C 156 31.42 0.88 -2.66
N ASP C 157 30.64 -0.17 -2.49
CA ASP C 157 31.14 -1.54 -2.79
C ASP C 157 31.35 -1.71 -4.31
N GLY C 158 30.37 -1.26 -5.09
CA GLY C 158 30.48 -1.39 -6.55
C GLY C 158 31.31 -0.29 -7.17
N PHE C 159 31.34 0.88 -6.50
CA PHE C 159 31.93 2.13 -7.03
C PHE C 159 32.82 2.78 -5.96
N PRO C 160 33.92 2.13 -5.59
CA PRO C 160 34.77 2.68 -4.53
C PRO C 160 35.35 4.04 -4.87
N VAL C 161 35.39 4.42 -6.15
CA VAL C 161 35.88 5.75 -6.53
C VAL C 161 34.95 6.82 -5.97
N LEU C 162 33.71 6.48 -5.55
CA LEU C 162 32.81 7.49 -4.98
C LEU C 162 32.97 7.59 -3.48
N LYS C 163 33.82 6.80 -2.86
CA LYS C 163 34.16 7.03 -1.44
C LYS C 163 34.68 8.45 -1.25
N GLY C 164 34.31 9.10 -0.16
CA GLY C 164 34.75 10.47 0.10
C GLY C 164 34.13 11.49 -0.81
N THR C 165 33.01 11.13 -1.46
CA THR C 165 32.17 12.09 -2.19
C THR C 165 30.75 11.99 -1.62
N ILE C 166 29.92 12.94 -1.93
CA ILE C 166 28.50 12.94 -1.49
C ILE C 166 27.73 11.81 -2.18
N PHE C 167 28.25 11.22 -3.23
CA PHE C 167 27.56 10.11 -3.95
C PHE C 167 27.61 8.81 -3.19
N GLU C 168 28.45 8.76 -2.14
CA GLU C 168 28.61 7.52 -1.36
C GLU C 168 27.30 7.25 -0.59
N SER C 169 26.51 8.28 -0.25
CA SER C 169 25.29 8.14 0.59
C SER C 169 24.03 8.18 -0.26
N GLY C 170 24.19 8.37 -1.57
CA GLY C 170 23.03 8.35 -2.50
C GLY C 170 23.20 9.38 -3.60
N ILE C 171 22.36 9.18 -4.59
CA ILE C 171 22.32 9.91 -5.90
C ILE C 171 20.91 10.46 -6.15
N ASP C 172 20.80 11.72 -6.56
CA ASP C 172 19.48 12.31 -6.84
C ASP C 172 19.01 12.10 -8.28
N ALA C 173 19.92 12.03 -9.23
CA ALA C 173 19.57 11.85 -10.64
C ALA C 173 20.78 11.36 -11.38
N SER C 174 20.61 10.76 -12.53
CA SER C 174 21.75 10.24 -13.33
C SER C 174 21.29 9.93 -14.75
N PHE C 175 22.24 9.94 -15.64
CA PHE C 175 21.97 9.40 -16.98
C PHE C 175 23.26 8.85 -17.56
N ALA C 176 23.09 7.85 -18.40
CA ALA C 176 24.18 7.23 -19.18
C ALA C 176 24.56 8.24 -20.26
N SER C 177 25.83 8.49 -20.48
CA SER C 177 26.28 9.27 -21.64
C SER C 177 26.07 8.50 -22.94
N HIS C 178 25.95 9.22 -24.04
CA HIS C 178 26.14 8.67 -25.41
C HIS C 178 27.60 8.28 -25.62
N LYS C 179 28.51 8.86 -24.84
CA LYS C 179 29.91 8.42 -24.86
C LYS C 179 30.07 7.26 -23.88
N GLU C 180 30.14 6.08 -24.41
CA GLU C 180 30.23 4.90 -23.53
C GLU C 180 31.67 4.79 -23.03
N PRO C 181 31.91 4.25 -21.83
CA PRO C 181 30.90 3.88 -20.84
C PRO C 181 30.79 4.96 -19.73
N GLU C 182 30.38 6.17 -20.08
CA GLU C 182 30.36 7.27 -19.13
C GLU C 182 28.94 7.48 -18.65
N ALA C 183 28.82 8.14 -17.50
CA ALA C 183 27.51 8.49 -16.94
C ALA C 183 27.69 9.76 -16.14
N TYR C 184 26.61 10.44 -15.90
CA TYR C 184 26.59 11.63 -15.05
C TYR C 184 25.72 11.35 -13.84
N LEU C 185 26.30 11.71 -12.69
CA LEU C 185 25.62 11.51 -11.39
C LEU C 185 25.39 12.88 -10.77
N PHE C 186 24.19 13.15 -10.34
CA PHE C 186 23.79 14.44 -9.75
C PHE C 186 23.35 14.26 -8.31
N LYS C 187 23.70 15.21 -7.44
CA LYS C 187 23.20 15.18 -6.03
C LYS C 187 23.17 16.61 -5.55
N GLY C 188 22.03 17.05 -5.04
CA GLY C 188 22.02 18.42 -4.51
C GLY C 188 22.24 19.43 -5.62
N ALA C 189 23.25 20.28 -5.52
CA ALA C 189 23.61 21.28 -6.54
C ALA C 189 24.89 20.84 -7.29
N GLN C 190 25.33 19.59 -7.15
CA GLN C 190 26.64 19.11 -7.69
C GLN C 190 26.45 17.91 -8.59
N TYR C 191 27.53 17.53 -9.21
CA TYR C 191 27.53 16.33 -10.07
C TYR C 191 28.94 15.87 -10.34
N VAL C 192 29.03 14.63 -10.75
CA VAL C 192 30.27 13.99 -11.25
C VAL C 192 30.02 13.31 -12.61
N ARG C 193 31.06 13.14 -13.35
CA ARG C 193 31.07 12.47 -14.66
C ARG C 193 31.98 11.24 -14.45
N ILE C 194 31.40 10.03 -14.59
CA ILE C 194 32.10 8.79 -14.20
C ILE C 194 32.25 7.94 -15.47
N LYS C 195 33.38 7.24 -15.61
CA LYS C 195 33.55 6.11 -16.53
C LYS C 195 33.35 4.85 -15.71
N PHE C 196 32.28 4.13 -15.98
CA PHE C 196 31.97 2.96 -15.15
C PHE C 196 32.48 1.71 -15.86
N THR C 197 32.66 0.67 -15.04
CA THR C 197 33.22 -0.62 -15.49
C THR C 197 32.35 -1.74 -14.97
N PRO C 198 31.37 -2.23 -15.73
CA PRO C 198 30.55 -3.33 -15.24
C PRO C 198 31.42 -4.53 -14.93
N GLY C 199 31.18 -5.12 -13.77
CA GLY C 199 31.88 -6.32 -13.33
C GLY C 199 33.21 -6.05 -12.67
N ALA C 200 33.62 -4.79 -12.55
CA ALA C 200 34.92 -4.40 -11.94
C ALA C 200 34.75 -3.14 -11.09
N THR C 201 35.69 -2.91 -10.20
CA THR C 201 35.80 -1.69 -9.37
C THR C 201 36.82 -0.76 -10.03
N ASN C 202 36.79 -0.68 -11.37
CA ASN C 202 37.81 0.15 -12.09
C ASN C 202 37.21 1.46 -12.60
N ASN C 203 36.15 1.91 -12.00
CA ASN C 203 35.47 3.13 -12.44
C ASN C 203 36.38 4.31 -12.16
N THR C 204 36.24 5.36 -12.94
CA THR C 204 37.06 6.58 -12.75
C THR C 204 36.23 7.83 -12.89
N LEU C 205 36.69 8.85 -12.20
CA LEU C 205 36.00 10.18 -12.27
C LEU C 205 36.64 10.97 -13.39
N THR C 206 35.97 11.05 -14.52
CA THR C 206 36.33 11.89 -15.66
C THR C 206 36.13 13.37 -15.26
N GLY C 207 35.06 13.65 -14.53
CA GLY C 207 34.83 14.93 -13.90
C GLY C 207 34.60 14.70 -12.44
N LYS C 208 35.47 15.31 -11.66
CA LYS C 208 35.42 15.38 -10.17
C LYS C 208 34.17 16.18 -9.77
N VAL C 209 33.79 16.13 -8.51
CA VAL C 209 32.55 16.80 -8.01
C VAL C 209 32.66 18.29 -8.37
N ARG C 210 31.71 18.81 -9.13
CA ARG C 210 31.59 20.22 -9.53
C ARG C 210 30.17 20.65 -9.23
N PRO C 211 29.98 21.94 -8.90
CA PRO C 211 28.63 22.53 -8.98
C PRO C 211 28.03 22.31 -10.40
N ILE C 212 26.77 21.91 -10.47
CA ILE C 212 26.06 21.77 -11.77
C ILE C 212 26.17 23.08 -12.58
N LEU C 213 25.97 24.24 -11.96
CA LEU C 213 25.98 25.48 -12.76
C LEU C 213 27.38 25.83 -13.26
N ASP C 214 28.42 25.30 -12.63
CA ASP C 214 29.80 25.55 -13.17
C ASP C 214 30.00 24.66 -14.40
N GLY C 215 29.52 23.42 -14.39
CA GLY C 215 29.78 22.50 -15.51
C GLY C 215 28.73 22.52 -16.60
N TRP C 216 27.52 23.02 -16.32
CA TRP C 216 26.43 23.14 -17.30
C TRP C 216 26.01 24.62 -17.39
N PRO C 217 26.83 25.48 -18.00
CA PRO C 217 26.40 26.86 -18.28
C PRO C 217 25.06 27.07 -18.96
N CYS C 218 24.62 26.15 -19.82
CA CYS C 218 23.34 26.34 -20.56
C CYS C 218 22.19 26.29 -19.57
N LEU C 219 22.41 25.80 -18.34
CA LEU C 219 21.40 25.69 -17.27
C LEU C 219 21.39 26.91 -16.38
N ARG C 220 22.25 27.88 -16.62
CA ARG C 220 22.40 28.99 -15.64
C ARG C 220 21.17 29.89 -15.59
N ASP C 221 20.36 29.98 -16.64
CA ASP C 221 19.13 30.83 -16.58
C ASP C 221 17.91 29.97 -16.26
N ILE C 222 18.13 28.73 -15.88
CA ILE C 222 17.08 27.71 -15.61
C ILE C 222 17.07 27.31 -14.11
N LEU C 223 18.23 26.91 -13.59
CA LEU C 223 18.33 26.39 -12.19
C LEU C 223 18.66 27.51 -11.21
N PRO C 224 18.09 27.49 -9.99
CA PRO C 224 17.13 26.46 -9.63
C PRO C 224 15.73 26.73 -10.21
N THR C 225 14.95 25.66 -10.45
CA THR C 225 13.53 25.68 -10.86
C THR C 225 12.62 25.73 -9.60
S SO4 D . -4.76 -23.69 -13.88
O1 SO4 D . -4.03 -24.91 -13.90
O2 SO4 D . -4.08 -22.83 -12.98
O3 SO4 D . -6.04 -23.89 -13.43
O4 SO4 D . -4.85 -23.06 -15.18
S SO4 E . -5.86 -2.35 -19.46
O1 SO4 E . -5.67 -1.86 -18.03
O2 SO4 E . -5.47 -3.73 -19.16
O3 SO4 E . -4.91 -1.62 -20.13
O4 SO4 E . -7.19 -2.08 -19.78
S SO4 F . -18.34 -23.39 10.24
O1 SO4 F . -17.77 -22.87 11.46
O2 SO4 F . -17.70 -24.62 9.99
O3 SO4 F . -18.14 -22.50 9.14
O4 SO4 F . -19.76 -23.59 10.43
S SO4 G . 8.78 14.18 21.12
O1 SO4 G . 9.55 13.52 22.19
O2 SO4 G . 7.48 14.45 21.53
O3 SO4 G . 9.45 15.33 20.62
O4 SO4 G . 8.77 13.22 19.98
S SO4 H . -12.29 11.27 15.55
O1 SO4 H . -11.61 10.03 14.89
O2 SO4 H . -13.22 10.74 16.42
O3 SO4 H . -12.77 12.02 14.45
O4 SO4 H . -11.39 11.93 16.21
S SO4 I . 10.49 -7.26 27.06
O1 SO4 I . 11.79 -7.80 27.38
O2 SO4 I . 9.40 -7.75 27.77
O3 SO4 I . 10.58 -5.91 27.56
O4 SO4 I . 10.15 -7.16 25.76
S SO4 J . 10.88 16.94 -26.49
O1 SO4 J . 11.32 15.62 -27.01
O2 SO4 J . 9.77 16.69 -25.54
O3 SO4 J . 11.95 17.58 -25.78
O4 SO4 J . 10.38 17.76 -27.61
S SO4 K . 33.14 18.53 -19.37
O1 SO4 K . 34.55 18.45 -19.78
O2 SO4 K . 32.79 17.44 -18.39
O3 SO4 K . 32.91 19.83 -18.75
O4 SO4 K . 32.29 18.39 -20.51
S SO4 L . 28.92 -3.38 -11.31
O1 SO4 L . 30.03 -3.65 -10.43
O2 SO4 L . 27.70 -3.41 -10.60
O3 SO4 L . 29.15 -2.09 -11.94
O4 SO4 L . 28.88 -4.36 -12.31
#